data_6E4V
#
_entry.id   6E4V
#
_cell.length_a   68.190
_cell.length_b   103.860
_cell.length_c   118.620
_cell.angle_alpha   90.00
_cell.angle_beta   90.00
_cell.angle_gamma   90.00
#
_symmetry.space_group_name_H-M   'P 21 21 21'
#
loop_
_entity.id
_entity.type
_entity.pdbx_description
1 polymer 'FhuE receptor'
2 non-polymer 'octyl beta-D-glucopyranoside'
3 non-polymer COPROGEN
4 water water
#
_entity_poly.entity_id   1
_entity_poly.type   'polypeptide(L)'
_entity_poly.pdbx_seq_one_letter_code
;APATEETVIVEGSATAPDDGENDYSVTSTSAGTKMQMTQRDIPQSVTIVSQQRMEDQQLQTLGEVMENTLGISKSQADSD
RALYYSRGFQIDNYMVDGIPTYFESRWNLGDALSDMALFERVEVVRGATGLMTGTGNPSAAINMVRKHATSREFKGDVSA
EYGSWNKERYVADLQSPLTEDGKIRARIVGGYQNNDSWLDRYNSEKTFFSGIVDADLGDLTTLSAGYEYQRIDVNSPTWG
GLPRWNTDGSSNSYDRARSTAPDWAYNDKEINKVFMTLKQQFADTWQATLNATHSEVEFDSKMMYVDAYVNKADGMLVGP
YSNYGPGFDYVGGTGWNSGKRKVDALDLFADGSYELFGRQHNLMFGGSYSKQNNRYFSSWANIFPDEIGSFYNFNGNFPQ
TDWSPQSLAQDDTTHMKSLYAATRVTLADPLHLILGARYTNWRVDTLTYSMEKNHTTPYAGLVFDINDNWSTYASYTSIF
QPQNDRDSSGKYLAPITGNNYELGLKSDWMNSRLTTTLAIFRIEQDNVAQSTGTPIPGSNGETAYKAVDGTVSKGVEFEL
NGAITDNWQLTFGATRYIAEDNEGNAVNPNLPRTTVKMFTSYRLPVMPELTVGGGVNWQNRVYTDTVTPYGTFRAEQGSY
ALVDLFTRYQVTKNFSLQGNVNNLFDKTYDTNVEGSIVYGTPRNFSITGTYQF
;
_entity_poly.pdbx_strand_id   A
#
loop_
_chem_comp.id
_chem_comp.type
_chem_comp.name
_chem_comp.formula
BOG D-saccharide 'octyl beta-D-glucopyranoside' 'C14 H28 O6'
HWS non-polymer COPROGEN 'C35 H53 Fe N6 O13'
#
# COMPACT_ATOMS: atom_id res chain seq x y z
N ASN A 22 1.83 1.80 -23.27
CA ASN A 22 0.90 0.76 -23.76
C ASN A 22 1.29 -0.69 -23.37
N ASP A 23 2.52 -0.90 -22.95
CA ASP A 23 3.00 -2.22 -22.55
C ASP A 23 2.83 -2.49 -21.05
N TYR A 24 2.34 -3.69 -20.70
CA TYR A 24 2.19 -4.11 -19.29
C TYR A 24 3.56 -4.27 -18.63
N SER A 25 4.58 -4.66 -19.39
CA SER A 25 5.94 -4.85 -18.84
C SER A 25 6.76 -3.56 -18.89
N VAL A 26 7.25 -3.06 -17.76
CA VAL A 26 8.08 -1.85 -17.69
C VAL A 26 9.56 -2.35 -17.65
N THR A 27 10.33 -2.01 -18.69
CA THR A 27 11.73 -2.41 -18.97
C THR A 27 12.74 -2.34 -17.81
N SER A 28 12.85 -1.17 -17.13
CA SER A 28 13.85 -1.00 -16.08
C SER A 28 13.32 -0.33 -14.83
N THR A 29 14.05 -0.52 -13.72
CA THR A 29 13.73 -0.01 -12.40
C THR A 29 14.97 0.13 -11.53
N SER A 30 14.87 1.06 -10.57
CA SER A 30 15.84 1.39 -9.54
C SER A 30 15.38 0.71 -8.23
N ALA A 31 14.26 -0.04 -8.27
CA ALA A 31 13.66 -0.70 -7.12
C ALA A 31 14.45 -1.90 -6.59
N GLY A 32 14.54 -1.98 -5.26
CA GLY A 32 15.25 -3.04 -4.55
C GLY A 32 16.68 -2.69 -4.19
N THR A 33 17.48 -2.30 -5.20
CA THR A 33 18.92 -2.02 -5.00
C THR A 33 19.31 -0.55 -5.02
N LYS A 34 18.40 0.33 -5.46
CA LYS A 34 18.63 1.78 -5.67
C LYS A 34 19.51 2.01 -6.92
N MET A 35 19.75 0.92 -7.69
CA MET A 35 20.53 0.91 -8.92
C MET A 35 19.59 0.61 -10.10
N GLN A 36 19.70 1.41 -11.17
CA GLN A 36 18.90 1.28 -12.39
C GLN A 36 19.28 -0.03 -13.12
N MET A 37 18.33 -1.00 -13.20
CA MET A 37 18.56 -2.31 -13.87
C MET A 37 17.24 -2.89 -14.41
N THR A 38 17.34 -3.99 -15.15
CA THR A 38 16.13 -4.72 -15.59
C THR A 38 15.67 -5.64 -14.45
N GLN A 39 14.47 -6.18 -14.48
CA GLN A 39 13.99 -7.04 -13.36
C GLN A 39 14.91 -8.27 -13.22
N ARG A 40 15.31 -8.85 -14.33
CA ARG A 40 16.20 -10.04 -14.40
C ARG A 40 17.46 -9.86 -13.53
N ASP A 41 17.99 -8.66 -13.41
CA ASP A 41 19.20 -8.37 -12.65
C ASP A 41 18.95 -8.10 -11.19
N ILE A 42 17.69 -8.10 -10.77
CA ILE A 42 17.34 -7.83 -9.39
C ILE A 42 17.14 -9.14 -8.65
N PRO A 43 17.99 -9.46 -7.63
CA PRO A 43 17.82 -10.73 -6.93
C PRO A 43 16.73 -10.68 -5.85
N GLN A 44 15.60 -10.10 -6.20
CA GLN A 44 14.43 -9.98 -5.29
C GLN A 44 13.15 -10.17 -6.10
N SER A 45 12.02 -10.39 -5.45
CA SER A 45 10.75 -10.55 -6.20
C SER A 45 10.21 -9.14 -6.48
N VAL A 46 10.25 -8.71 -7.73
CA VAL A 46 9.84 -7.32 -8.11
C VAL A 46 8.65 -7.39 -9.08
N THR A 47 7.63 -6.59 -8.83
CA THR A 47 6.46 -6.46 -9.72
C THR A 47 6.27 -4.98 -10.05
N ILE A 48 6.05 -4.63 -11.31
CA ILE A 48 5.83 -3.19 -11.65
C ILE A 48 4.47 -3.06 -12.32
N VAL A 49 3.62 -2.17 -11.83
CA VAL A 49 2.25 -1.99 -12.40
C VAL A 49 2.35 -0.85 -13.43
N SER A 50 2.00 -1.12 -14.67
CA SER A 50 2.15 -0.12 -15.75
C SER A 50 0.93 0.81 -15.83
N GLN A 51 1.14 1.93 -16.50
CA GLN A 51 0.13 2.95 -16.75
C GLN A 51 -1.04 2.33 -17.50
N GLN A 52 -0.74 1.45 -18.49
CA GLN A 52 -1.73 0.77 -19.32
C GLN A 52 -2.61 -0.19 -18.54
N ARG A 53 -2.02 -0.96 -17.59
CA ARG A 53 -2.77 -1.86 -16.73
C ARG A 53 -3.74 -1.03 -15.87
N MET A 54 -3.25 0.08 -15.34
CA MET A 54 -4.08 0.98 -14.51
C MET A 54 -5.23 1.53 -15.35
N GLU A 55 -4.98 1.95 -16.59
CA GLU A 55 -6.04 2.46 -17.48
C GLU A 55 -7.03 1.35 -17.85
N ASP A 56 -6.58 0.16 -18.19
CA ASP A 56 -7.50 -0.89 -18.60
C ASP A 56 -8.46 -1.35 -17.50
N GLN A 57 -7.94 -1.49 -16.29
CA GLN A 57 -8.74 -2.01 -15.14
C GLN A 57 -9.27 -0.85 -14.28
N GLN A 58 -8.94 0.37 -14.60
CA GLN A 58 -9.39 1.58 -13.86
C GLN A 58 -8.92 1.48 -12.40
N LEU A 59 -7.64 1.29 -12.23
CA LEU A 59 -7.07 1.33 -10.86
C LEU A 59 -6.79 2.81 -10.61
N GLN A 60 -7.68 3.46 -9.86
CA GLN A 60 -7.62 4.93 -9.65
C GLN A 60 -7.02 5.30 -8.29
N THR A 61 -6.85 4.34 -7.39
CA THR A 61 -6.26 4.61 -6.08
C THR A 61 -5.09 3.68 -5.87
N LEU A 62 -4.18 4.03 -4.93
CA LEU A 62 -3.05 3.14 -4.62
C LEU A 62 -3.56 1.79 -4.07
N GLY A 63 -4.63 1.83 -3.27
CA GLY A 63 -5.32 0.66 -2.72
C GLY A 63 -5.81 -0.29 -3.78
N GLU A 64 -6.39 0.25 -4.85
CA GLU A 64 -6.87 -0.58 -6.00
C GLU A 64 -5.69 -1.22 -6.73
N VAL A 65 -4.57 -0.53 -6.85
CA VAL A 65 -3.36 -1.05 -7.49
C VAL A 65 -2.85 -2.22 -6.64
N MET A 66 -2.68 -1.98 -5.34
CA MET A 66 -2.17 -3.01 -4.40
C MET A 66 -3.07 -4.25 -4.37
N GLU A 67 -4.38 -4.11 -4.26
CA GLU A 67 -5.27 -5.30 -4.15
C GLU A 67 -5.31 -6.13 -5.44
N ASN A 68 -4.82 -5.58 -6.54
CA ASN A 68 -4.77 -6.33 -7.83
C ASN A 68 -3.33 -6.77 -8.11
N THR A 69 -2.45 -6.59 -7.13
CA THR A 69 -1.02 -6.95 -7.28
C THR A 69 -0.75 -8.32 -6.60
N LEU A 70 -0.05 -9.21 -7.30
CA LEU A 70 0.27 -10.56 -6.78
C LEU A 70 1.00 -10.48 -5.44
N GLY A 71 0.59 -11.29 -4.49
CA GLY A 71 1.29 -11.35 -3.18
C GLY A 71 0.89 -10.25 -2.23
N ILE A 72 -0.08 -9.42 -2.58
CA ILE A 72 -0.54 -8.32 -1.67
C ILE A 72 -2.02 -8.57 -1.37
N SER A 73 -2.37 -8.62 -0.09
CA SER A 73 -3.78 -8.84 0.33
C SER A 73 -4.25 -7.67 1.21
N LYS A 74 -5.55 -7.41 1.21
CA LYS A 74 -6.14 -6.33 2.01
C LYS A 74 -7.12 -6.81 3.09
N SER A 75 -7.19 -5.98 4.10
CA SER A 75 -8.14 -6.13 5.22
C SER A 75 -8.88 -4.79 5.38
N GLN A 76 -10.16 -4.76 5.10
CA GLN A 76 -10.95 -3.51 5.11
C GLN A 76 -11.71 -3.34 6.43
N ALA A 77 -11.15 -2.63 7.36
CA ALA A 77 -11.79 -2.36 8.67
C ALA A 77 -13.14 -1.65 8.49
N ASP A 78 -13.19 -0.66 7.62
CA ASP A 78 -14.39 0.12 7.36
C ASP A 78 -14.35 0.71 5.93
N SER A 79 -15.33 1.50 5.57
CA SER A 79 -15.53 2.01 4.19
C SER A 79 -14.28 2.69 3.63
N ASP A 80 -13.50 3.41 4.38
CA ASP A 80 -12.34 4.05 3.79
C ASP A 80 -11.00 3.68 4.38
N ARG A 81 -10.97 2.70 5.26
CA ARG A 81 -9.70 2.32 5.93
C ARG A 81 -9.38 0.85 5.64
N ALA A 82 -8.30 0.60 4.92
CA ALA A 82 -7.86 -0.76 4.54
C ALA A 82 -6.37 -0.89 4.81
N LEU A 83 -5.93 -2.05 5.22
CA LEU A 83 -4.48 -2.22 5.45
C LEU A 83 -3.99 -3.31 4.47
N TYR A 84 -2.75 -3.23 4.05
CA TYR A 84 -2.22 -4.14 3.01
C TYR A 84 -1.10 -5.03 3.57
N TYR A 85 -1.16 -6.31 3.22
CA TYR A 85 -0.22 -7.34 3.74
C TYR A 85 0.50 -8.09 2.60
N SER A 86 1.73 -8.50 2.87
CA SER A 86 2.54 -9.31 1.92
C SER A 86 3.36 -10.35 2.70
N ARG A 87 3.25 -11.60 2.30
CA ARG A 87 4.00 -12.74 2.87
C ARG A 87 3.75 -12.91 4.37
N GLY A 88 2.56 -12.56 4.84
CA GLY A 88 2.19 -12.69 6.25
C GLY A 88 2.49 -11.46 7.09
N PHE A 89 2.98 -10.36 6.47
CA PHE A 89 3.35 -9.16 7.25
C PHE A 89 2.68 -7.91 6.74
N GLN A 90 2.59 -6.91 7.57
CA GLN A 90 1.88 -5.68 7.19
C GLN A 90 2.81 -4.68 6.54
N ILE A 91 2.32 -3.98 5.52
CA ILE A 91 3.10 -2.87 4.90
C ILE A 91 2.84 -1.65 5.79
N ASP A 92 3.88 -1.06 6.37
CA ASP A 92 3.79 0.06 7.28
C ASP A 92 4.17 1.46 6.75
N ASN A 93 4.40 1.53 5.46
CA ASN A 93 4.80 2.73 4.75
C ASN A 93 4.60 2.57 3.24
N TYR A 94 4.26 3.68 2.60
CA TYR A 94 4.19 3.74 1.12
C TYR A 94 5.24 4.78 0.70
N MET A 95 5.79 4.67 -0.50
CA MET A 95 6.81 5.68 -0.84
C MET A 95 6.43 6.41 -2.13
N VAL A 96 6.94 7.61 -2.29
CA VAL A 96 6.74 8.39 -3.53
C VAL A 96 8.15 8.79 -3.98
N ASP A 97 8.59 8.31 -5.14
CA ASP A 97 9.93 8.57 -5.63
C ASP A 97 11.02 8.18 -4.62
N GLY A 98 10.86 7.03 -3.97
CA GLY A 98 11.84 6.50 -3.01
C GLY A 98 11.79 7.16 -1.64
N ILE A 99 10.81 8.02 -1.38
CA ILE A 99 10.69 8.70 -0.06
C ILE A 99 9.52 8.08 0.69
N PRO A 100 9.75 7.42 1.82
CA PRO A 100 8.65 6.76 2.51
C PRO A 100 7.90 7.61 3.54
N THR A 101 6.64 7.27 3.76
CA THR A 101 5.78 7.91 4.79
C THR A 101 5.16 6.79 5.64
N TYR A 102 5.50 6.76 6.92
CA TYR A 102 5.04 5.71 7.82
C TYR A 102 3.71 5.99 8.46
N PHE A 103 3.00 4.91 8.84
CA PHE A 103 1.69 5.00 9.47
C PHE A 103 1.44 3.87 10.47
N GLU A 104 0.50 4.12 11.37
CA GLU A 104 0.01 3.15 12.37
C GLU A 104 -1.33 2.64 11.89
N SER A 105 -1.67 1.43 12.28
CA SER A 105 -2.94 0.81 11.85
C SER A 105 -4.15 1.65 12.24
N ARG A 106 -4.14 2.28 13.39
CA ARG A 106 -5.35 2.99 13.87
C ARG A 106 -5.41 4.44 13.38
N TRP A 107 -4.33 4.98 12.85
CA TRP A 107 -4.35 6.36 12.32
C TRP A 107 -4.12 6.32 10.80
N ASN A 108 -5.17 5.98 10.04
CA ASN A 108 -5.24 5.88 8.57
C ASN A 108 -5.48 7.28 8.00
N LEU A 109 -4.44 7.92 7.53
CA LEU A 109 -4.50 9.26 6.89
C LEU A 109 -4.83 9.17 5.39
N GLY A 110 -5.44 8.11 4.93
CA GLY A 110 -5.88 7.91 3.54
C GLY A 110 -4.80 7.82 2.49
N ASP A 111 -3.60 7.31 2.86
CA ASP A 111 -2.46 7.19 1.94
C ASP A 111 -2.74 6.21 0.79
N ALA A 112 -3.59 5.17 1.03
CA ALA A 112 -3.94 4.22 -0.04
C ALA A 112 -5.09 4.79 -0.93
N LEU A 113 -5.63 5.99 -0.56
CA LEU A 113 -6.67 6.64 -1.34
C LEU A 113 -6.07 7.61 -2.39
N SER A 114 -4.72 7.80 -2.35
CA SER A 114 -3.93 8.64 -3.27
C SER A 114 -4.34 8.31 -4.69
N ASP A 115 -4.57 9.36 -5.46
CA ASP A 115 -5.04 9.22 -6.81
C ASP A 115 -3.87 8.87 -7.73
N MET A 116 -4.09 7.83 -8.48
CA MET A 116 -3.13 7.25 -9.45
C MET A 116 -2.91 8.19 -10.67
N ALA A 117 -3.85 9.06 -10.95
CA ALA A 117 -3.77 10.00 -12.08
C ALA A 117 -2.49 10.82 -11.93
N LEU A 118 -1.93 10.90 -10.73
CA LEU A 118 -0.72 11.68 -10.46
C LEU A 118 0.56 10.91 -10.75
N PHE A 119 0.46 9.61 -10.97
CA PHE A 119 1.67 8.76 -11.07
C PHE A 119 1.77 7.97 -12.39
N GLU A 120 2.98 7.88 -12.86
CA GLU A 120 3.35 7.12 -14.08
C GLU A 120 3.22 5.61 -13.87
N ARG A 121 3.71 5.08 -12.75
CA ARG A 121 3.63 3.63 -12.46
C ARG A 121 3.89 3.36 -10.98
N VAL A 122 3.66 2.14 -10.52
CA VAL A 122 3.91 1.76 -9.09
C VAL A 122 4.88 0.57 -9.06
N GLU A 123 6.00 0.67 -8.36
CA GLU A 123 6.99 -0.42 -8.26
C GLU A 123 6.76 -1.19 -6.95
N VAL A 124 6.58 -2.50 -7.03
CA VAL A 124 6.32 -3.32 -5.81
C VAL A 124 7.47 -4.31 -5.59
N VAL A 125 8.09 -4.28 -4.42
CA VAL A 125 9.17 -5.24 -4.08
C VAL A 125 8.68 -6.07 -2.89
N ARG A 126 8.58 -7.38 -3.05
CA ARG A 126 8.06 -8.24 -1.96
C ARG A 126 9.23 -8.84 -1.17
N GLY A 127 9.16 -8.76 0.16
CA GLY A 127 10.21 -9.31 1.04
C GLY A 127 10.73 -8.28 2.03
N ALA A 128 12.01 -8.37 2.35
CA ALA A 128 12.69 -7.46 3.27
C ALA A 128 13.39 -6.36 2.44
N THR A 129 12.90 -5.11 2.53
CA THR A 129 13.38 -4.00 1.71
C THR A 129 14.20 -2.95 2.49
N GLY A 130 14.97 -3.44 3.47
CA GLY A 130 15.83 -2.65 4.34
C GLY A 130 16.91 -1.82 3.67
N LEU A 131 17.23 -2.12 2.39
CA LEU A 131 18.20 -1.34 1.61
C LEU A 131 17.52 -0.07 1.05
N MET A 132 16.22 -0.15 0.71
CA MET A 132 15.43 0.97 0.16
C MET A 132 15.01 1.94 1.26
N THR A 133 14.65 1.40 2.44
CA THR A 133 14.15 2.15 3.58
C THR A 133 14.78 1.70 4.91
N GLY A 134 14.88 2.62 5.87
CA GLY A 134 15.42 2.35 7.20
C GLY A 134 14.66 1.28 7.95
N THR A 135 13.41 1.58 8.34
CA THR A 135 12.59 0.64 9.14
C THR A 135 11.40 0.01 8.38
N GLY A 136 10.79 -1.01 8.99
CA GLY A 136 9.62 -1.66 8.43
C GLY A 136 9.52 -3.14 8.76
N ASN A 137 8.48 -3.78 8.21
CA ASN A 137 8.25 -5.23 8.36
C ASN A 137 8.73 -5.97 7.08
N PRO A 138 8.97 -7.30 7.11
CA PRO A 138 9.38 -8.00 5.87
C PRO A 138 8.18 -8.36 4.95
N SER A 139 7.43 -7.34 4.57
CA SER A 139 6.25 -7.49 3.75
C SER A 139 6.52 -7.14 2.28
N ALA A 140 6.48 -5.83 2.06
CA ALA A 140 6.64 -5.26 0.71
C ALA A 140 6.96 -3.76 0.68
N ALA A 141 7.78 -3.30 -0.28
CA ALA A 141 8.00 -1.85 -0.48
C ALA A 141 7.11 -1.49 -1.65
N ILE A 142 6.38 -0.40 -1.48
CA ILE A 142 5.46 0.13 -2.52
C ILE A 142 5.98 1.51 -2.92
N ASN A 143 6.39 1.68 -4.17
CA ASN A 143 6.88 2.97 -4.63
C ASN A 143 6.11 3.55 -5.81
N MET A 144 5.45 4.69 -5.59
CA MET A 144 4.71 5.45 -6.60
C MET A 144 5.68 6.41 -7.25
N VAL A 145 5.80 6.32 -8.58
CA VAL A 145 6.69 7.16 -9.39
C VAL A 145 5.84 8.28 -10.03
N ARG A 146 6.22 9.54 -9.79
CA ARG A 146 5.50 10.71 -10.36
C ARG A 146 5.64 10.79 -11.86
N LYS A 147 4.62 11.38 -12.49
CA LYS A 147 4.54 11.73 -13.90
C LYS A 147 5.46 12.94 -14.10
N HIS A 148 6.20 12.93 -15.21
CA HIS A 148 7.14 14.02 -15.54
C HIS A 148 6.80 14.62 -16.92
N ALA A 149 7.27 15.84 -17.15
CA ALA A 149 7.10 16.58 -18.39
C ALA A 149 8.22 16.14 -19.31
N THR A 150 7.94 15.20 -20.22
CA THR A 150 8.97 14.59 -21.08
C THR A 150 8.83 14.90 -22.57
N SER A 151 7.61 15.22 -23.06
CA SER A 151 7.43 15.49 -24.48
C SER A 151 7.98 16.84 -24.90
N ARG A 152 8.38 16.93 -26.16
CA ARG A 152 8.93 18.13 -26.76
C ARG A 152 7.83 18.82 -27.60
N GLU A 153 6.57 18.41 -27.34
CA GLU A 153 5.36 18.90 -28.02
C GLU A 153 4.19 19.02 -27.03
N PHE A 154 3.22 19.93 -27.30
CA PHE A 154 2.03 20.02 -26.46
C PHE A 154 1.27 18.68 -26.59
N LYS A 155 1.16 17.96 -25.48
CA LYS A 155 0.52 16.67 -25.44
C LYS A 155 -0.40 16.57 -24.22
N GLY A 156 -1.39 15.74 -24.30
CA GLY A 156 -2.25 15.51 -23.15
C GLY A 156 -3.49 14.73 -23.51
N ASP A 157 -4.37 14.57 -22.53
CA ASP A 157 -5.62 13.91 -22.72
C ASP A 157 -6.55 14.39 -21.65
N VAL A 158 -7.83 14.28 -21.96
CA VAL A 158 -8.91 14.65 -21.02
C VAL A 158 -9.96 13.54 -21.10
N SER A 159 -10.63 13.29 -20.01
CA SER A 159 -11.58 12.21 -19.90
C SER A 159 -12.74 12.50 -18.93
N ALA A 160 -13.84 11.85 -19.24
CA ALA A 160 -15.10 11.91 -18.45
C ALA A 160 -15.59 10.47 -18.29
N GLU A 161 -15.83 10.07 -17.05
CA GLU A 161 -16.31 8.69 -16.75
C GLU A 161 -17.59 8.76 -15.92
N TYR A 162 -18.57 7.96 -16.30
CA TYR A 162 -19.85 7.86 -15.57
C TYR A 162 -20.05 6.39 -15.20
N GLY A 163 -20.34 6.12 -13.94
CA GLY A 163 -20.55 4.73 -13.50
C GLY A 163 -21.68 4.57 -12.50
N SER A 164 -21.73 3.40 -11.88
CA SER A 164 -22.71 2.98 -10.90
C SER A 164 -22.57 3.81 -9.65
N TRP A 165 -23.67 3.97 -8.94
CA TRP A 165 -23.77 4.77 -7.68
C TRP A 165 -23.44 6.24 -7.95
N ASN A 166 -23.91 6.76 -9.09
CA ASN A 166 -23.76 8.19 -9.48
C ASN A 166 -22.29 8.59 -9.53
N LYS A 167 -21.39 7.74 -9.97
CA LYS A 167 -19.97 8.14 -10.02
C LYS A 167 -19.74 9.06 -11.21
N GLU A 168 -19.04 10.14 -11.00
CA GLU A 168 -18.62 11.04 -12.10
C GLU A 168 -17.14 11.30 -11.88
N ARG A 169 -16.32 11.04 -12.87
CA ARG A 169 -14.86 11.27 -12.76
C ARG A 169 -14.42 12.09 -13.99
N TYR A 170 -13.74 13.20 -13.77
CA TYR A 170 -13.26 14.09 -14.87
C TYR A 170 -11.75 14.23 -14.70
N VAL A 171 -10.94 13.98 -15.72
CA VAL A 171 -9.46 14.09 -15.57
C VAL A 171 -8.84 14.81 -16.78
N ALA A 172 -7.86 15.66 -16.50
CA ALA A 172 -7.09 16.37 -17.56
C ALA A 172 -5.60 16.23 -17.23
N ASP A 173 -4.82 15.75 -18.19
CA ASP A 173 -3.38 15.63 -18.05
C ASP A 173 -2.88 16.42 -19.25
N LEU A 174 -2.07 17.45 -19.02
CA LEU A 174 -1.54 18.28 -20.13
C LEU A 174 -0.07 18.58 -19.86
N GLN A 175 0.74 18.52 -20.89
CA GLN A 175 2.17 18.78 -20.81
C GLN A 175 2.66 19.50 -22.04
N SER A 176 3.76 20.25 -21.90
CA SER A 176 4.35 20.97 -23.02
C SER A 176 5.68 21.56 -22.62
N PRO A 177 6.63 21.76 -23.59
CA PRO A 177 7.80 22.60 -23.27
C PRO A 177 7.29 24.04 -23.09
N LEU A 178 8.03 24.84 -22.33
CA LEU A 178 7.71 26.23 -22.03
C LEU A 178 8.70 27.16 -22.71
N THR A 179 9.68 26.58 -23.43
CA THR A 179 10.71 27.32 -24.16
C THR A 179 10.90 26.70 -25.55
N GLU A 180 11.36 27.53 -26.52
CA GLU A 180 11.62 27.17 -27.91
C GLU A 180 12.59 25.99 -28.05
N ASP A 181 13.67 25.96 -27.23
CA ASP A 181 14.67 24.88 -27.20
C ASP A 181 14.16 23.59 -26.52
N GLY A 182 13.02 23.69 -25.85
CA GLY A 182 12.39 22.57 -25.15
C GLY A 182 13.13 22.09 -23.91
N LYS A 183 14.06 22.93 -23.39
CA LYS A 183 14.86 22.66 -22.20
C LYS A 183 14.05 22.82 -20.94
N ILE A 184 13.07 23.76 -20.93
CA ILE A 184 12.17 23.92 -19.79
C ILE A 184 10.80 23.37 -20.21
N ARG A 185 10.29 22.38 -19.45
CA ARG A 185 9.02 21.68 -19.73
C ARG A 185 8.15 21.65 -18.47
N ALA A 186 6.84 21.51 -18.67
CA ALA A 186 5.90 21.45 -17.53
C ALA A 186 4.75 20.47 -17.80
N ARG A 187 4.27 19.84 -16.74
CA ARG A 187 3.14 18.89 -16.86
C ARG A 187 2.14 19.16 -15.74
N ILE A 188 0.87 19.17 -16.05
CA ILE A 188 -0.21 19.47 -15.06
C ILE A 188 -1.24 18.35 -15.11
N VAL A 189 -1.58 17.78 -13.97
CA VAL A 189 -2.67 16.75 -13.93
C VAL A 189 -3.71 17.27 -12.93
N GLY A 190 -4.96 17.28 -13.30
CA GLY A 190 -6.02 17.78 -12.41
C GLY A 190 -7.27 16.96 -12.55
N GLY A 191 -8.01 16.76 -11.49
CA GLY A 191 -9.24 15.97 -11.63
C GLY A 191 -10.21 16.12 -10.47
N TYR A 192 -11.43 15.66 -10.69
CA TYR A 192 -12.47 15.72 -9.64
C TYR A 192 -13.32 14.46 -9.74
N GLN A 193 -13.71 13.91 -8.61
CA GLN A 193 -14.59 12.72 -8.62
C GLN A 193 -15.67 12.90 -7.56
N ASN A 194 -16.89 12.55 -7.87
CA ASN A 194 -18.00 12.55 -6.90
C ASN A 194 -18.71 11.22 -7.09
N ASN A 195 -19.07 10.56 -6.01
CA ASN A 195 -19.80 9.28 -6.14
C ASN A 195 -20.48 8.93 -4.82
N ASP A 196 -21.46 8.05 -4.94
CA ASP A 196 -22.15 7.42 -3.83
C ASP A 196 -21.54 6.03 -3.78
N SER A 197 -22.18 5.11 -3.06
CA SER A 197 -21.68 3.77 -2.87
C SER A 197 -22.88 2.81 -2.83
N TRP A 198 -22.59 1.51 -2.67
CA TRP A 198 -23.57 0.48 -2.41
C TRP A 198 -24.14 0.76 -1.00
N LEU A 199 -23.36 1.42 -0.15
CA LEU A 199 -23.70 1.74 1.26
C LEU A 199 -24.71 2.88 1.35
N ASP A 200 -25.74 2.74 2.19
CA ASP A 200 -26.73 3.79 2.38
C ASP A 200 -26.05 5.01 2.95
N ARG A 201 -26.39 6.16 2.37
CA ARG A 201 -25.99 7.55 2.78
C ARG A 201 -24.50 7.84 2.53
N TYR A 202 -23.75 6.99 1.86
CA TYR A 202 -22.29 7.23 1.69
C TYR A 202 -22.06 8.15 0.49
N ASN A 203 -21.19 9.13 0.66
CA ASN A 203 -20.84 10.04 -0.46
C ASN A 203 -19.39 10.48 -0.33
N SER A 204 -18.66 10.39 -1.41
CA SER A 204 -17.26 10.81 -1.46
C SER A 204 -17.05 11.84 -2.56
N GLU A 205 -16.30 12.86 -2.22
CA GLU A 205 -15.99 13.96 -3.17
C GLU A 205 -14.48 14.16 -3.13
N LYS A 206 -13.80 14.09 -4.27
CA LYS A 206 -12.33 14.29 -4.20
C LYS A 206 -11.83 15.18 -5.32
N THR A 207 -10.83 15.98 -5.00
CA THR A 207 -10.16 16.89 -5.94
C THR A 207 -8.67 16.56 -5.90
N PHE A 208 -8.05 16.42 -7.05
CA PHE A 208 -6.64 16.11 -7.10
C PHE A 208 -5.94 17.02 -8.12
N PHE A 209 -4.70 17.36 -7.85
CA PHE A 209 -3.95 18.27 -8.75
C PHE A 209 -2.45 18.16 -8.47
N SER A 210 -1.67 17.94 -9.53
CA SER A 210 -0.20 17.90 -9.44
C SER A 210 0.40 18.75 -10.57
N GLY A 211 1.40 19.54 -10.25
CA GLY A 211 2.08 20.39 -11.23
C GLY A 211 3.58 20.18 -11.14
N ILE A 212 4.28 20.04 -12.24
CA ILE A 212 5.75 19.79 -12.15
C ILE A 212 6.47 20.53 -13.28
N VAL A 213 7.64 21.08 -12.99
CA VAL A 213 8.45 21.78 -14.02
C VAL A 213 9.77 21.02 -14.17
N ASP A 214 10.07 20.54 -15.38
CA ASP A 214 11.28 19.81 -15.68
C ASP A 214 12.20 20.71 -16.49
N ALA A 215 13.34 21.10 -15.93
CA ALA A 215 14.26 21.99 -16.65
C ALA A 215 15.66 21.36 -16.78
N ASP A 216 16.21 21.34 -17.98
CA ASP A 216 17.55 20.82 -18.17
C ASP A 216 18.44 22.03 -17.99
N LEU A 217 19.20 22.05 -16.90
CA LEU A 217 20.06 23.23 -16.66
C LEU A 217 21.40 23.04 -17.36
N GLY A 218 21.67 23.82 -18.38
CA GLY A 218 22.95 23.70 -19.11
C GLY A 218 23.16 22.27 -19.59
N ASP A 219 24.32 21.73 -19.32
CA ASP A 219 24.65 20.37 -19.72
C ASP A 219 25.03 19.63 -18.46
N LEU A 220 24.58 18.37 -18.42
CA LEU A 220 24.79 17.35 -17.35
C LEU A 220 23.99 17.70 -16.08
N THR A 221 23.04 18.62 -16.13
CA THR A 221 22.24 18.95 -14.91
C THR A 221 20.75 18.93 -15.24
N THR A 222 19.94 18.25 -14.44
CA THR A 222 18.48 18.21 -14.68
C THR A 222 17.77 18.59 -13.38
N LEU A 223 16.79 19.47 -13.43
CA LEU A 223 16.08 19.88 -12.18
C LEU A 223 14.57 19.68 -12.34
N SER A 224 13.94 19.09 -11.33
CA SER A 224 12.47 18.88 -11.32
C SER A 224 11.90 19.56 -10.09
N ALA A 225 10.78 20.25 -10.20
CA ALA A 225 10.17 20.93 -9.04
C ALA A 225 8.64 20.87 -9.19
N GLY A 226 7.92 20.59 -8.12
CA GLY A 226 6.48 20.50 -8.22
C GLY A 226 5.67 20.66 -6.96
N TYR A 227 4.36 20.64 -7.15
CA TYR A 227 3.36 20.80 -6.10
C TYR A 227 2.23 19.78 -6.27
N GLU A 228 1.81 19.18 -5.17
CA GLU A 228 0.68 18.21 -5.23
C GLU A 228 -0.40 18.63 -4.24
N TYR A 229 -1.64 18.58 -4.66
CA TYR A 229 -2.77 18.91 -3.77
C TYR A 229 -3.85 17.85 -3.95
N GLN A 230 -4.37 17.34 -2.86
CA GLN A 230 -5.47 16.35 -2.90
C GLN A 230 -6.42 16.64 -1.74
N ARG A 231 -7.69 16.52 -1.97
CA ARG A 231 -8.68 16.73 -0.91
C ARG A 231 -9.79 15.72 -1.12
N ILE A 232 -10.09 14.95 -0.10
CA ILE A 232 -11.19 13.95 -0.11
C ILE A 232 -12.15 14.27 1.03
N ASP A 233 -13.41 14.43 0.73
CA ASP A 233 -14.37 14.72 1.73
C ASP A 233 -15.37 13.64 1.59
N VAL A 234 -15.50 12.88 2.67
CA VAL A 234 -16.49 11.76 2.73
C VAL A 234 -17.60 12.09 3.75
N ASN A 235 -18.80 11.86 3.33
CA ASN A 235 -20.02 12.03 4.15
C ASN A 235 -20.55 10.64 4.50
N SER A 236 -20.88 10.44 5.76
CA SER A 236 -21.40 9.15 6.29
C SER A 236 -20.42 8.01 6.00
N PRO A 237 -19.16 8.17 6.33
CA PRO A 237 -18.27 7.04 6.15
C PRO A 237 -18.49 6.04 7.28
N THR A 238 -18.35 4.74 7.09
CA THR A 238 -18.56 3.78 8.21
C THR A 238 -17.34 3.72 9.12
N TRP A 239 -17.54 3.25 10.36
CA TRP A 239 -16.50 3.04 11.41
C TRP A 239 -16.79 1.66 11.97
N GLY A 240 -15.90 0.72 11.79
CA GLY A 240 -16.23 -0.66 12.16
C GLY A 240 -17.17 -1.34 11.17
N GLY A 241 -17.68 -2.48 11.51
CA GLY A 241 -18.52 -3.24 10.58
C GLY A 241 -19.87 -3.62 11.13
N LEU A 242 -20.54 -4.55 10.51
CA LEU A 242 -21.85 -5.00 10.99
C LEU A 242 -21.70 -6.17 11.96
N PRO A 243 -22.52 -6.24 13.03
CA PRO A 243 -22.44 -7.34 14.01
C PRO A 243 -22.52 -8.72 13.36
N ARG A 244 -21.38 -9.40 13.30
CA ARG A 244 -21.24 -10.75 12.71
C ARG A 244 -21.95 -11.84 13.52
N TRP A 245 -21.90 -11.74 14.85
CA TRP A 245 -22.34 -12.83 15.77
C TRP A 245 -23.60 -12.53 16.60
N ASN A 246 -24.38 -13.59 16.77
CA ASN A 246 -25.55 -13.60 17.68
C ASN A 246 -25.10 -14.22 19.01
N THR A 247 -25.80 -14.02 20.10
CA THR A 247 -25.34 -14.57 21.41
C THR A 247 -25.26 -16.10 21.35
N ASP A 248 -26.19 -16.77 20.66
CA ASP A 248 -26.18 -18.22 20.55
C ASP A 248 -25.11 -18.81 19.61
N GLY A 249 -24.25 -17.97 19.03
CA GLY A 249 -23.19 -18.47 18.14
C GLY A 249 -23.55 -18.43 16.66
N SER A 250 -24.82 -18.33 16.32
CA SER A 250 -25.20 -18.27 14.88
C SER A 250 -24.67 -16.98 14.25
N SER A 251 -24.21 -17.03 13.01
CA SER A 251 -23.66 -15.84 12.30
C SER A 251 -24.79 -15.00 11.67
N ASN A 252 -24.52 -13.77 11.29
CA ASN A 252 -25.56 -12.89 10.66
C ASN A 252 -25.17 -12.50 9.22
N SER A 253 -26.17 -12.16 8.43
CA SER A 253 -26.07 -11.70 7.02
C SER A 253 -26.94 -10.47 6.86
N TYR A 254 -26.44 -9.46 6.16
CA TYR A 254 -27.20 -8.22 5.92
C TYR A 254 -27.15 -7.86 4.43
N ASP A 255 -28.05 -7.01 3.99
CA ASP A 255 -28.09 -6.44 2.65
C ASP A 255 -26.81 -5.58 2.58
N ARG A 256 -26.06 -5.64 1.47
CA ARG A 256 -24.79 -4.92 1.30
C ARG A 256 -24.95 -3.37 1.40
N ALA A 257 -26.19 -2.88 1.34
CA ALA A 257 -26.52 -1.47 1.46
C ALA A 257 -26.56 -1.04 2.93
N ARG A 258 -26.64 -2.00 3.87
CA ARG A 258 -26.72 -1.71 5.30
C ARG A 258 -25.49 -0.96 5.84
N SER A 259 -25.77 0.18 6.47
CA SER A 259 -24.71 1.03 7.07
C SER A 259 -25.08 1.48 8.49
N THR A 260 -24.09 1.54 9.36
CA THR A 260 -24.24 2.00 10.77
C THR A 260 -23.81 3.46 10.86
N ALA A 261 -23.40 4.05 9.74
CA ALA A 261 -22.91 5.45 9.67
C ALA A 261 -24.05 6.47 9.78
N PRO A 262 -23.99 7.37 10.78
CA PRO A 262 -25.03 8.42 10.88
C PRO A 262 -24.87 9.53 9.84
N ASP A 263 -25.95 10.29 9.63
CA ASP A 263 -25.97 11.39 8.67
C ASP A 263 -25.01 12.49 9.04
N TRP A 264 -24.70 12.61 10.32
CA TRP A 264 -23.76 13.69 10.75
C TRP A 264 -22.32 13.22 10.65
N ALA A 265 -22.10 11.95 10.35
CA ALA A 265 -20.73 11.39 10.26
C ALA A 265 -20.00 11.94 9.03
N TYR A 266 -18.75 12.30 9.16
CA TYR A 266 -17.93 12.78 8.03
C TYR A 266 -16.44 12.56 8.30
N ASN A 267 -15.70 12.41 7.22
CA ASN A 267 -14.21 12.36 7.27
C ASN A 267 -13.67 13.22 6.12
N ASP A 268 -12.85 14.19 6.40
CA ASP A 268 -12.33 15.06 5.43
C ASP A 268 -10.89 15.12 5.63
N LYS A 269 -10.15 15.07 4.54
CA LYS A 269 -8.67 15.09 4.57
C LYS A 269 -8.14 16.04 3.50
N GLU A 270 -7.06 16.71 3.75
CA GLU A 270 -6.44 17.62 2.75
C GLU A 270 -4.93 17.35 2.69
N ILE A 271 -4.41 17.12 1.50
CA ILE A 271 -2.96 16.82 1.30
C ILE A 271 -2.30 17.95 0.51
N ASN A 272 -1.18 18.46 0.98
CA ASN A 272 -0.40 19.51 0.29
C ASN A 272 1.07 19.10 0.29
N LYS A 273 1.69 18.97 -0.87
CA LYS A 273 3.11 18.55 -0.92
C LYS A 273 3.91 19.43 -1.89
N VAL A 274 5.15 19.70 -1.55
CA VAL A 274 6.13 20.40 -2.43
C VAL A 274 7.29 19.40 -2.58
N PHE A 275 7.83 19.24 -3.76
CA PHE A 275 8.92 18.24 -3.95
C PHE A 275 9.87 18.70 -5.06
N MET A 276 11.15 18.40 -4.90
CA MET A 276 12.14 18.79 -5.94
C MET A 276 13.16 17.66 -6.15
N THR A 277 13.58 17.46 -7.38
CA THR A 277 14.60 16.42 -7.72
C THR A 277 15.72 17.07 -8.55
N LEU A 278 16.96 16.93 -8.13
CA LEU A 278 18.10 17.50 -8.88
C LEU A 278 19.03 16.36 -9.32
N LYS A 279 19.36 16.26 -10.59
CA LYS A 279 20.28 15.19 -11.08
C LYS A 279 21.48 15.86 -11.76
N GLN A 280 22.69 15.47 -11.39
CA GLN A 280 23.93 16.09 -11.95
C GLN A 280 24.85 15.00 -12.51
N GLN A 281 25.28 15.11 -13.75
CA GLN A 281 26.23 14.12 -14.31
C GLN A 281 27.64 14.65 -14.03
N PHE A 282 28.30 14.19 -12.97
CA PHE A 282 29.65 14.69 -12.61
C PHE A 282 30.71 14.27 -13.62
N ALA A 283 30.68 13.03 -14.05
CA ALA A 283 31.70 12.50 -14.99
C ALA A 283 31.12 11.33 -15.79
N ASP A 284 31.82 10.82 -16.78
CA ASP A 284 31.29 9.72 -17.55
C ASP A 284 31.07 8.55 -16.59
N THR A 285 29.87 7.97 -16.69
CA THR A 285 29.35 6.78 -15.94
C THR A 285 28.98 7.15 -14.49
N TRP A 286 29.04 8.41 -14.07
CA TRP A 286 28.68 8.76 -12.67
C TRP A 286 27.57 9.82 -12.64
N GLN A 287 26.53 9.61 -11.85
CA GLN A 287 25.43 10.61 -11.71
C GLN A 287 25.09 10.77 -10.22
N ALA A 288 24.72 11.97 -9.80
CA ALA A 288 24.35 12.26 -8.39
C ALA A 288 22.88 12.70 -8.35
N THR A 289 22.10 12.17 -7.41
CA THR A 289 20.66 12.54 -7.32
C THR A 289 20.31 13.05 -5.92
N LEU A 290 19.53 14.13 -5.86
CA LEU A 290 19.04 14.74 -4.63
C LEU A 290 17.50 14.89 -4.74
N ASN A 291 16.80 14.05 -4.00
CA ASN A 291 15.32 14.04 -3.94
C ASN A 291 14.89 14.64 -2.61
N ALA A 292 14.01 15.62 -2.59
CA ALA A 292 13.54 16.25 -1.36
C ALA A 292 12.03 16.43 -1.38
N THR A 293 11.40 16.39 -0.23
CA THR A 293 9.94 16.57 -0.19
C THR A 293 9.51 17.18 1.13
N HIS A 294 8.47 17.99 1.10
CA HIS A 294 7.83 18.50 2.33
C HIS A 294 6.36 18.14 2.20
N SER A 295 5.88 17.22 3.00
CA SER A 295 4.48 16.75 2.83
C SER A 295 3.65 17.07 4.05
N GLU A 296 2.38 17.32 3.84
CA GLU A 296 1.48 17.64 4.96
C GLU A 296 0.12 17.05 4.64
N VAL A 297 -0.52 16.50 5.65
CA VAL A 297 -1.91 15.99 5.50
C VAL A 297 -2.66 16.41 6.76
N GLU A 298 -3.84 16.98 6.61
CA GLU A 298 -4.66 17.43 7.76
C GLU A 298 -6.02 16.73 7.64
N PHE A 299 -6.62 16.33 8.72
CA PHE A 299 -7.93 15.66 8.64
C PHE A 299 -8.82 16.08 9.81
N ASP A 300 -10.09 15.94 9.63
CA ASP A 300 -11.04 16.19 10.65
C ASP A 300 -12.12 15.23 10.37
N SER A 301 -12.59 14.61 11.42
CA SER A 301 -13.66 13.61 11.27
C SER A 301 -14.52 13.47 12.54
N LYS A 302 -15.75 13.17 12.30
CA LYS A 302 -16.70 12.85 13.39
C LYS A 302 -17.35 11.56 12.93
N MET A 303 -17.21 10.47 13.66
CA MET A 303 -17.79 9.20 13.18
C MET A 303 -18.32 8.40 14.37
N MET A 304 -19.08 7.36 14.08
CA MET A 304 -19.68 6.44 15.06
C MET A 304 -19.49 5.00 14.57
N TYR A 305 -19.11 4.09 15.47
CA TYR A 305 -18.95 2.63 15.23
C TYR A 305 -19.79 1.78 16.20
N VAL A 306 -20.11 0.58 15.74
CA VAL A 306 -20.88 -0.47 16.49
C VAL A 306 -19.95 -1.69 16.59
N ASP A 307 -19.75 -2.23 17.76
CA ASP A 307 -18.90 -3.38 18.01
C ASP A 307 -19.58 -4.22 19.10
N ALA A 308 -20.45 -5.15 18.71
CA ALA A 308 -21.22 -5.95 19.70
C ALA A 308 -21.83 -7.21 19.09
N TYR A 309 -22.25 -8.12 19.96
CA TYR A 309 -23.01 -9.35 19.58
C TYR A 309 -24.50 -9.00 19.55
N VAL A 310 -25.34 -9.85 18.99
CA VAL A 310 -26.79 -9.48 18.93
C VAL A 310 -27.64 -10.52 19.69
N ASN A 311 -28.55 -10.06 20.54
CA ASN A 311 -29.45 -11.02 21.21
C ASN A 311 -30.56 -11.24 20.20
N LYS A 312 -30.67 -12.42 19.66
CA LYS A 312 -31.60 -12.68 18.55
C LYS A 312 -33.04 -12.34 18.91
N ALA A 313 -33.50 -12.63 20.10
CA ALA A 313 -34.93 -12.35 20.40
C ALA A 313 -35.27 -10.87 20.31
N ASP A 314 -34.55 -10.00 21.00
CA ASP A 314 -34.97 -8.62 20.97
C ASP A 314 -34.20 -7.71 20.03
N GLY A 315 -33.04 -8.15 19.60
CA GLY A 315 -32.21 -7.33 18.71
C GLY A 315 -31.24 -6.50 19.52
N MET A 316 -31.32 -6.56 20.83
CA MET A 316 -30.43 -5.76 21.68
C MET A 316 -28.99 -6.18 21.55
N LEU A 317 -28.09 -5.21 21.67
CA LEU A 317 -26.63 -5.45 21.48
C LEU A 317 -25.96 -5.78 22.82
N VAL A 318 -24.97 -6.68 22.79
CA VAL A 318 -24.19 -7.06 24.00
C VAL A 318 -22.72 -6.70 23.75
N GLY A 319 -22.10 -5.95 24.64
CA GLY A 319 -20.69 -5.53 24.49
C GLY A 319 -19.72 -6.69 24.55
N PRO A 320 -18.63 -6.65 23.77
CA PRO A 320 -17.64 -7.72 23.77
C PRO A 320 -16.75 -7.66 25.01
N TYR A 321 -16.85 -6.62 25.80
CA TYR A 321 -16.00 -6.50 27.00
C TYR A 321 -16.86 -6.47 28.29
N SER A 322 -18.10 -6.86 28.21
CA SER A 322 -19.02 -6.75 29.37
C SER A 322 -18.59 -7.69 30.49
N ASN A 323 -17.71 -8.63 30.22
CA ASN A 323 -17.22 -9.55 31.25
C ASN A 323 -16.38 -8.85 32.31
N TYR A 324 -15.67 -7.77 31.94
CA TYR A 324 -14.83 -6.97 32.84
C TYR A 324 -15.63 -6.26 33.94
N GLY A 325 -16.92 -5.98 33.69
CA GLY A 325 -17.79 -5.35 34.66
C GLY A 325 -18.89 -4.47 34.07
N PRO A 326 -19.64 -3.72 34.95
CA PRO A 326 -20.74 -2.87 34.45
C PRO A 326 -20.33 -1.64 33.63
N GLY A 327 -19.14 -1.10 33.84
CA GLY A 327 -18.70 0.07 33.06
C GLY A 327 -18.06 -0.34 31.75
N PHE A 328 -18.05 -1.63 31.44
CA PHE A 328 -17.45 -2.15 30.22
C PHE A 328 -18.45 -2.78 29.24
N ASP A 329 -19.75 -2.59 29.44
CA ASP A 329 -20.70 -3.21 28.54
C ASP A 329 -21.15 -2.33 27.37
N TYR A 330 -20.28 -1.43 26.94
CA TYR A 330 -20.59 -0.54 25.79
C TYR A 330 -20.65 -1.33 24.47
N VAL A 331 -21.52 -0.94 23.54
CA VAL A 331 -21.71 -1.69 22.26
C VAL A 331 -21.25 -0.87 21.04
N GLY A 332 -20.57 0.25 21.26
CA GLY A 332 -20.03 1.10 20.21
C GLY A 332 -19.45 2.38 20.76
N GLY A 333 -19.25 3.34 19.88
CA GLY A 333 -18.60 4.59 20.24
C GLY A 333 -18.79 5.71 19.22
N THR A 334 -18.54 6.90 19.68
CA THR A 334 -18.53 8.09 18.82
C THR A 334 -17.17 8.74 19.01
N GLY A 335 -16.73 9.47 18.00
CA GLY A 335 -15.43 10.13 18.09
C GLY A 335 -15.29 11.31 17.15
N TRP A 336 -14.71 12.35 17.68
CA TRP A 336 -14.36 13.56 16.91
C TRP A 336 -12.83 13.62 16.95
N ASN A 337 -12.23 13.25 15.85
CA ASN A 337 -10.77 13.09 15.72
C ASN A 337 -10.21 14.03 14.64
N SER A 338 -9.16 14.73 14.95
CA SER A 338 -8.50 15.66 14.01
C SER A 338 -7.00 15.50 14.18
N GLY A 339 -6.25 15.94 13.20
CA GLY A 339 -4.80 15.84 13.26
C GLY A 339 -4.03 16.37 12.07
N LYS A 340 -2.69 16.30 12.18
CA LYS A 340 -1.79 16.78 11.16
C LYS A 340 -0.49 15.99 11.15
N ARG A 341 -0.03 15.61 9.94
CA ARG A 341 1.23 14.91 9.72
C ARG A 341 2.12 15.79 8.86
N LYS A 342 3.39 15.92 9.26
CA LYS A 342 4.39 16.70 8.54
C LYS A 342 5.57 15.79 8.24
N VAL A 343 6.01 15.81 6.99
CA VAL A 343 7.16 14.96 6.55
C VAL A 343 8.17 15.85 5.82
N ASP A 344 9.38 15.94 6.32
CA ASP A 344 10.45 16.67 5.67
C ASP A 344 11.50 15.61 5.46
N ALA A 345 11.74 15.25 4.20
CA ALA A 345 12.68 14.14 3.94
C ALA A 345 13.53 14.43 2.70
N LEU A 346 14.81 14.06 2.75
CA LEU A 346 15.71 14.23 1.58
C LEU A 346 16.56 12.96 1.39
N ASP A 347 16.77 12.55 0.14
CA ASP A 347 17.59 11.40 -0.22
C ASP A 347 18.66 11.90 -1.20
N LEU A 348 19.91 11.61 -0.92
CA LEU A 348 21.06 12.03 -1.72
C LEU A 348 21.93 10.80 -1.98
N PHE A 349 22.12 10.45 -3.27
CA PHE A 349 22.92 9.29 -3.67
C PHE A 349 23.61 9.50 -4.99
N ALA A 350 24.72 8.78 -5.17
CA ALA A 350 25.54 8.79 -6.38
C ALA A 350 25.66 7.37 -6.92
N ASP A 351 25.65 7.23 -8.27
CA ASP A 351 25.79 5.94 -8.94
C ASP A 351 26.77 6.02 -10.10
N GLY A 352 27.73 5.11 -10.13
CA GLY A 352 28.74 5.07 -11.18
C GLY A 352 29.53 3.79 -11.23
N SER A 353 30.59 3.79 -12.05
CA SER A 353 31.47 2.64 -12.27
C SER A 353 32.86 2.81 -11.65
N TYR A 354 33.52 1.68 -11.45
CA TYR A 354 34.89 1.53 -10.98
C TYR A 354 35.41 0.21 -11.57
N GLU A 355 36.73 0.10 -11.79
CA GLU A 355 37.27 -1.13 -12.35
C GLU A 355 38.24 -1.81 -11.41
N LEU A 356 37.91 -3.04 -10.98
CA LEU A 356 38.69 -3.88 -10.07
C LEU A 356 38.90 -5.26 -10.72
N PHE A 357 40.15 -5.78 -10.71
CA PHE A 357 40.56 -7.05 -11.31
C PHE A 357 40.31 -7.11 -12.84
N GLY A 358 40.49 -5.97 -13.51
CA GLY A 358 40.32 -5.82 -14.95
C GLY A 358 38.90 -5.86 -15.47
N ARG A 359 37.90 -5.71 -14.57
CA ARG A 359 36.48 -5.72 -14.94
C ARG A 359 35.72 -4.55 -14.32
N GLN A 360 34.70 -4.05 -15.05
CA GLN A 360 33.86 -2.92 -14.61
C GLN A 360 32.77 -3.40 -13.66
N HIS A 361 32.57 -2.66 -12.56
CA HIS A 361 31.56 -2.93 -11.51
C HIS A 361 30.83 -1.63 -11.18
N ASN A 362 29.55 -1.72 -10.81
CA ASN A 362 28.75 -0.56 -10.46
C ASN A 362 28.76 -0.33 -8.94
N LEU A 363 28.86 0.94 -8.52
CA LEU A 363 28.87 1.39 -7.12
C LEU A 363 27.82 2.46 -6.88
N MET A 364 27.03 2.27 -5.81
CA MET A 364 26.00 3.19 -5.37
C MET A 364 26.27 3.49 -3.90
N PHE A 365 26.21 4.76 -3.50
CA PHE A 365 26.40 5.17 -2.10
C PHE A 365 25.60 6.44 -1.86
N GLY A 366 25.10 6.62 -0.65
CA GLY A 366 24.31 7.83 -0.40
C GLY A 366 23.87 7.97 1.03
N GLY A 367 22.95 8.89 1.28
CA GLY A 367 22.41 9.14 2.62
C GLY A 367 20.94 9.51 2.56
N SER A 368 20.26 9.42 3.69
CA SER A 368 18.84 9.73 3.81
C SER A 368 18.58 10.47 5.11
N TYR A 369 17.65 11.43 5.07
CA TYR A 369 17.21 12.16 6.24
C TYR A 369 15.70 12.26 6.20
N SER A 370 15.03 12.04 7.33
CA SER A 370 13.57 12.15 7.41
C SER A 370 13.12 12.58 8.79
N LYS A 371 12.23 13.59 8.85
CA LYS A 371 11.60 14.08 10.07
C LYS A 371 10.10 14.00 9.84
N GLN A 372 9.45 13.11 10.60
CA GLN A 372 8.01 12.91 10.51
C GLN A 372 7.35 13.22 11.85
N ASN A 373 6.37 14.12 11.84
CA ASN A 373 5.59 14.52 13.02
C ASN A 373 4.10 14.20 12.78
N ASN A 374 3.43 13.65 13.81
CA ASN A 374 2.01 13.28 13.78
C ASN A 374 1.40 13.79 15.05
N ARG A 375 0.48 14.76 14.93
CA ARG A 375 -0.22 15.38 16.07
C ARG A 375 -1.71 15.17 15.92
N TYR A 376 -2.35 14.56 16.93
CA TYR A 376 -3.78 14.23 16.91
C TYR A 376 -4.55 14.80 18.12
N PHE A 377 -5.80 15.12 17.85
CA PHE A 377 -6.78 15.64 18.82
C PHE A 377 -8.01 14.73 18.80
N SER A 378 -8.48 14.40 20.00
CA SER A 378 -9.67 13.52 20.09
C SER A 378 -10.68 13.99 21.14
N SER A 379 -11.90 13.72 20.85
CA SER A 379 -13.05 13.88 21.78
C SER A 379 -13.92 12.65 21.51
N TRP A 380 -14.24 11.82 22.50
CA TRP A 380 -15.00 10.59 22.17
C TRP A 380 -15.86 10.12 23.35
N ALA A 381 -16.84 9.28 23.05
CA ALA A 381 -17.75 8.72 24.07
C ALA A 381 -18.14 7.29 23.69
N ASN A 382 -18.46 6.49 24.70
CA ASN A 382 -18.89 5.08 24.51
C ASN A 382 -20.40 5.06 24.29
N ILE A 383 -20.92 4.01 23.70
CA ILE A 383 -22.38 3.89 23.44
C ILE A 383 -22.88 2.66 24.19
N PHE A 384 -23.96 2.79 24.94
CA PHE A 384 -24.49 1.64 25.72
C PHE A 384 -25.75 1.10 25.04
N PRO A 385 -26.14 -0.13 25.35
CA PRO A 385 -27.31 -0.82 24.77
C PRO A 385 -28.60 0.01 24.82
N ASP A 386 -28.86 0.74 25.90
CA ASP A 386 -30.06 1.54 25.97
C ASP A 386 -30.08 2.66 24.93
N GLU A 387 -28.94 3.29 24.70
CA GLU A 387 -28.80 4.45 23.78
C GLU A 387 -29.16 4.07 22.35
N ILE A 388 -28.85 2.86 21.90
CA ILE A 388 -29.07 2.50 20.47
C ILE A 388 -30.36 1.67 20.27
N GLY A 389 -30.83 0.94 21.27
CA GLY A 389 -32.04 0.13 21.13
C GLY A 389 -31.81 -1.10 20.27
N SER A 390 -32.90 -1.71 19.74
CA SER A 390 -32.82 -2.92 18.91
C SER A 390 -32.05 -2.64 17.61
N PHE A 391 -31.10 -3.53 17.26
CA PHE A 391 -30.30 -3.36 16.05
C PHE A 391 -31.14 -3.57 14.79
N TYR A 392 -32.29 -4.28 14.92
CA TYR A 392 -33.24 -4.54 13.82
C TYR A 392 -33.89 -3.25 13.25
N ASN A 393 -33.94 -2.19 14.07
CA ASN A 393 -34.46 -0.87 13.72
C ASN A 393 -33.34 0.18 13.58
N PHE A 394 -32.06 -0.27 13.54
CA PHE A 394 -30.93 0.64 13.49
C PHE A 394 -30.38 0.84 12.08
N ASN A 395 -30.33 2.11 11.71
CA ASN A 395 -29.84 2.57 10.38
C ASN A 395 -29.17 3.94 10.53
N GLY A 396 -28.19 4.05 11.41
CA GLY A 396 -27.44 5.31 11.61
C GLY A 396 -28.25 6.39 12.31
N ASN A 397 -29.51 6.15 12.63
CA ASN A 397 -30.38 7.13 13.29
C ASN A 397 -29.97 7.31 14.77
N PHE A 398 -28.75 7.82 15.00
CA PHE A 398 -28.23 7.98 16.36
C PHE A 398 -27.92 9.46 16.69
N PRO A 399 -28.30 9.99 17.88
CA PRO A 399 -28.01 11.42 18.16
C PRO A 399 -26.52 11.73 18.27
N GLN A 400 -26.10 12.85 17.70
CA GLN A 400 -24.68 13.27 17.74
C GLN A 400 -24.26 13.65 19.16
N THR A 401 -23.09 13.21 19.59
CA THR A 401 -22.58 13.50 20.94
C THR A 401 -22.38 15.01 21.14
N ASP A 402 -22.73 15.50 22.32
CA ASP A 402 -22.47 16.89 22.62
C ASP A 402 -21.00 16.81 22.99
N TRP A 403 -20.16 16.94 21.98
CA TRP A 403 -18.68 16.82 22.11
C TRP A 403 -18.09 17.72 23.18
N SER A 404 -17.23 17.16 24.01
CA SER A 404 -16.45 17.97 24.97
C SER A 404 -15.19 18.45 24.25
N PRO A 405 -14.49 19.46 24.77
CA PRO A 405 -13.30 19.95 24.07
C PRO A 405 -12.26 18.87 23.72
N GLN A 406 -11.75 18.89 22.50
CA GLN A 406 -10.73 17.92 22.05
C GLN A 406 -9.46 18.15 22.85
N SER A 407 -8.73 17.10 23.15
CA SER A 407 -7.46 17.22 23.89
C SER A 407 -6.32 16.59 23.07
N LEU A 408 -5.10 16.98 23.32
CA LEU A 408 -3.94 16.41 22.62
C LEU A 408 -3.78 14.94 22.99
N ALA A 409 -4.24 14.06 22.08
CA ALA A 409 -4.24 12.60 22.19
C ALA A 409 -2.87 11.99 21.89
N GLN A 410 -2.10 12.61 20.99
CA GLN A 410 -0.81 12.11 20.52
C GLN A 410 0.01 13.21 19.85
N ASP A 411 1.32 13.16 20.05
CA ASP A 411 2.27 14.09 19.45
C ASP A 411 3.60 13.34 19.34
N ASP A 412 3.83 12.72 18.18
CA ASP A 412 5.05 11.95 17.92
C ASP A 412 5.93 12.51 16.82
N THR A 413 7.23 12.47 17.04
CA THR A 413 8.24 12.91 16.09
C THR A 413 9.30 11.85 15.92
N THR A 414 9.48 11.39 14.68
CA THR A 414 10.45 10.36 14.30
C THR A 414 11.54 10.95 13.40
N HIS A 415 12.81 10.78 13.81
CA HIS A 415 13.98 11.21 13.06
C HIS A 415 14.72 9.98 12.60
N MET A 416 14.72 9.74 11.29
CA MET A 416 15.40 8.60 10.68
C MET A 416 16.54 9.15 9.81
N LYS A 417 17.80 8.73 10.09
CA LYS A 417 19.02 9.18 9.38
C LYS A 417 19.81 7.94 8.95
N SER A 418 20.10 7.86 7.65
CA SER A 418 20.80 6.68 7.10
C SER A 418 21.99 7.04 6.21
N LEU A 419 22.95 6.13 6.17
CA LEU A 419 24.12 6.15 5.25
C LEU A 419 24.03 4.79 4.56
N TYR A 420 24.09 4.70 3.25
CA TYR A 420 23.94 3.36 2.63
C TYR A 420 24.90 3.21 1.44
N ALA A 421 25.36 2.00 1.22
CA ALA A 421 26.28 1.70 0.11
C ALA A 421 25.91 0.37 -0.46
N ALA A 422 26.08 0.20 -1.79
CA ALA A 422 25.83 -1.07 -2.48
C ALA A 422 26.57 -1.14 -3.79
N THR A 423 27.21 -2.28 -4.04
CA THR A 423 27.97 -2.54 -5.25
C THR A 423 27.51 -3.80 -5.96
N ARG A 424 27.42 -3.73 -7.30
CA ARG A 424 27.12 -4.89 -8.12
C ARG A 424 28.48 -5.28 -8.71
N VAL A 425 29.02 -6.42 -8.22
CA VAL A 425 30.33 -6.95 -8.59
C VAL A 425 30.19 -7.87 -9.80
N THR A 426 31.05 -7.69 -10.82
CA THR A 426 31.10 -8.57 -11.99
C THR A 426 32.11 -9.67 -11.67
N LEU A 427 31.63 -10.83 -11.15
CA LEU A 427 32.51 -11.97 -10.88
C LEU A 427 32.99 -12.54 -12.25
N ALA A 428 32.06 -12.57 -13.22
CA ALA A 428 32.27 -13.02 -14.60
C ALA A 428 31.14 -12.39 -15.43
N ASP A 429 31.22 -12.44 -16.78
CA ASP A 429 30.20 -11.88 -17.67
C ASP A 429 28.75 -12.32 -17.30
N PRO A 430 28.44 -13.63 -17.06
CA PRO A 430 27.06 -13.98 -16.68
C PRO A 430 26.81 -14.11 -15.18
N LEU A 431 27.75 -13.70 -14.32
CA LEU A 431 27.58 -13.87 -12.88
C LEU A 431 27.89 -12.61 -12.08
N HIS A 432 26.85 -12.08 -11.42
CA HIS A 432 26.97 -10.84 -10.65
C HIS A 432 26.58 -11.03 -9.20
N LEU A 433 27.32 -10.39 -8.34
CA LEU A 433 27.05 -10.47 -6.88
C LEU A 433 26.73 -9.06 -6.36
N ILE A 434 25.56 -8.85 -5.77
CA ILE A 434 25.19 -7.50 -5.23
C ILE A 434 25.49 -7.48 -3.74
N LEU A 435 26.37 -6.63 -3.28
CA LEU A 435 26.62 -6.57 -1.82
C LEU A 435 26.33 -5.15 -1.32
N GLY A 436 25.41 -5.00 -0.36
CA GLY A 436 25.03 -3.72 0.22
C GLY A 436 24.80 -3.71 1.73
N ALA A 437 24.67 -2.49 2.24
CA ALA A 437 24.42 -2.27 3.69
C ALA A 437 23.80 -0.89 3.91
N ARG A 438 22.85 -0.79 4.81
CA ARG A 438 22.28 0.53 5.18
C ARG A 438 22.41 0.69 6.69
N TYR A 439 23.11 1.70 7.15
CA TYR A 439 23.23 1.95 8.61
C TYR A 439 22.16 2.99 8.95
N THR A 440 21.39 2.82 10.01
CA THR A 440 20.32 3.78 10.32
C THR A 440 20.29 4.16 11.79
N ASN A 441 20.29 5.48 12.04
CA ASN A 441 20.11 6.08 13.35
C ASN A 441 18.62 6.48 13.38
N TRP A 442 17.84 5.83 14.23
CA TRP A 442 16.40 6.06 14.31
C TRP A 442 15.97 6.54 15.70
N ARG A 443 15.09 7.57 15.76
CA ARG A 443 14.61 8.14 17.02
C ARG A 443 13.15 8.54 17.01
N VAL A 444 12.48 8.33 18.13
CA VAL A 444 11.05 8.74 18.28
C VAL A 444 10.91 9.55 19.57
N ASP A 445 10.18 10.65 19.53
CA ASP A 445 9.90 11.42 20.71
C ASP A 445 8.40 11.43 20.79
N THR A 446 7.92 10.93 21.91
CA THR A 446 6.49 10.72 22.22
C THR A 446 6.14 11.55 23.47
N LEU A 447 4.87 11.81 23.73
CA LEU A 447 4.45 12.52 24.97
C LEU A 447 4.86 11.70 26.20
N THR A 448 4.81 10.37 26.14
CA THR A 448 5.19 9.50 27.28
C THR A 448 6.63 8.96 27.20
N TYR A 449 7.32 8.88 26.06
CA TYR A 449 8.70 8.28 26.08
C TYR A 449 9.56 8.67 24.86
N SER A 450 10.84 8.32 24.93
CA SER A 450 11.83 8.56 23.88
C SER A 450 12.63 7.28 23.69
N MET A 451 12.89 6.95 22.44
CA MET A 451 13.65 5.72 22.09
C MET A 451 14.54 5.99 20.88
N GLU A 452 15.82 5.72 20.99
CA GLU A 452 16.81 5.88 19.89
C GLU A 452 17.47 4.53 19.58
N LYS A 453 17.56 4.11 18.33
CA LYS A 453 18.18 2.80 17.98
C LYS A 453 19.03 2.93 16.71
N ASN A 454 20.20 2.34 16.75
CA ASN A 454 21.15 2.28 15.61
C ASN A 454 21.16 0.83 15.12
N HIS A 455 21.02 0.61 13.81
CA HIS A 455 20.99 -0.72 13.17
C HIS A 455 21.62 -0.72 11.78
N THR A 456 22.39 -1.77 11.45
CA THR A 456 23.00 -1.96 10.13
C THR A 456 22.28 -3.14 9.43
N THR A 457 21.62 -2.85 8.33
CA THR A 457 20.88 -3.87 7.56
C THR A 457 21.72 -4.30 6.35
N PRO A 458 22.14 -5.57 6.29
CA PRO A 458 22.94 -6.04 5.16
C PRO A 458 22.08 -6.52 3.98
N TYR A 459 22.69 -6.48 2.79
CA TYR A 459 22.06 -6.97 1.53
C TYR A 459 23.07 -7.84 0.79
N ALA A 460 22.75 -9.09 0.49
CA ALA A 460 23.66 -9.96 -0.30
C ALA A 460 22.83 -10.69 -1.37
N GLY A 461 23.19 -10.55 -2.63
CA GLY A 461 22.43 -11.20 -3.71
C GLY A 461 23.35 -11.78 -4.77
N LEU A 462 22.84 -12.72 -5.56
CA LEU A 462 23.65 -13.38 -6.58
C LEU A 462 22.75 -13.69 -7.74
N VAL A 463 23.17 -13.31 -8.98
CA VAL A 463 22.38 -13.49 -10.19
C VAL A 463 23.26 -14.20 -11.22
N PHE A 464 22.78 -15.37 -11.65
CA PHE A 464 23.48 -16.18 -12.66
C PHE A 464 22.66 -16.27 -13.95
N ASP A 465 23.25 -15.86 -15.08
CA ASP A 465 22.62 -15.94 -16.39
C ASP A 465 23.01 -17.26 -17.08
N ILE A 466 22.07 -18.24 -17.11
CA ILE A 466 22.23 -19.55 -17.76
C ILE A 466 22.46 -19.31 -19.29
N ASN A 467 21.54 -18.56 -19.92
CA ASN A 467 21.62 -18.21 -21.34
C ASN A 467 21.08 -16.81 -21.60
N ASP A 468 20.77 -16.51 -22.87
CA ASP A 468 20.24 -15.22 -23.30
C ASP A 468 18.86 -14.86 -22.71
N ASN A 469 18.07 -15.86 -22.25
CA ASN A 469 16.73 -15.57 -21.74
C ASN A 469 16.47 -15.94 -20.29
N TRP A 470 17.19 -16.94 -19.72
CA TRP A 470 16.97 -17.43 -18.34
C TRP A 470 18.07 -17.11 -17.34
N SER A 471 17.64 -16.73 -16.12
CA SER A 471 18.53 -16.44 -15.00
C SER A 471 18.06 -17.03 -13.69
N THR A 472 18.99 -17.38 -12.81
CA THR A 472 18.68 -17.85 -11.45
C THR A 472 19.22 -16.80 -10.46
N TYR A 473 18.62 -16.73 -9.28
CA TYR A 473 19.11 -15.83 -8.27
C TYR A 473 18.99 -16.43 -6.88
N ALA A 474 19.73 -15.82 -5.96
CA ALA A 474 19.75 -16.21 -4.54
C ALA A 474 19.99 -14.95 -3.73
N SER A 475 19.26 -14.70 -2.66
CA SER A 475 19.54 -13.45 -1.91
C SER A 475 19.22 -13.55 -0.42
N TYR A 476 19.92 -12.74 0.35
CA TYR A 476 19.64 -12.56 1.79
C TYR A 476 19.28 -11.07 1.96
N THR A 477 18.07 -10.76 2.39
CA THR A 477 17.68 -9.33 2.56
C THR A 477 17.10 -9.13 3.95
N SER A 478 17.23 -7.94 4.51
CA SER A 478 16.73 -7.69 5.88
C SER A 478 16.11 -6.29 6.04
N ILE A 479 15.43 -6.10 7.15
CA ILE A 479 14.80 -4.81 7.56
C ILE A 479 14.59 -4.87 9.08
N PHE A 480 14.59 -3.74 9.76
CA PHE A 480 14.42 -3.74 11.21
C PHE A 480 13.21 -2.91 11.63
N GLN A 481 12.54 -3.32 12.70
CA GLN A 481 11.37 -2.63 13.21
C GLN A 481 11.56 -2.38 14.72
N PRO A 482 11.85 -1.12 15.14
CA PRO A 482 11.99 -0.83 16.59
C PRO A 482 10.71 -1.10 17.36
N GLN A 483 10.84 -1.44 18.62
CA GLN A 483 9.63 -1.80 19.41
C GLN A 483 9.66 -1.14 20.78
N ASN A 484 8.54 -0.59 21.21
CA ASN A 484 8.34 0.08 22.49
C ASN A 484 8.11 -0.98 23.60
N ASP A 485 9.17 -1.71 23.94
CA ASP A 485 9.21 -2.79 24.94
C ASP A 485 10.54 -2.77 25.67
N ARG A 486 10.49 -2.99 26.99
CA ARG A 486 11.70 -2.94 27.86
C ARG A 486 11.95 -4.30 28.50
N ASP A 487 13.20 -4.62 28.80
CA ASP A 487 13.55 -5.87 29.45
C ASP A 487 13.63 -5.67 30.99
N SER A 488 14.04 -6.72 31.71
CA SER A 488 14.14 -6.71 33.18
C SER A 488 15.10 -5.62 33.68
N SER A 489 16.15 -5.32 32.90
CA SER A 489 17.16 -4.30 33.19
C SER A 489 16.61 -2.87 33.08
N GLY A 490 15.49 -2.69 32.36
CA GLY A 490 14.87 -1.40 32.12
C GLY A 490 15.21 -0.82 30.75
N LYS A 491 16.15 -1.42 30.07
CA LYS A 491 16.59 -0.95 28.72
C LYS A 491 15.59 -1.33 27.61
N TYR A 492 15.45 -0.49 26.59
CA TYR A 492 14.53 -0.82 25.48
C TYR A 492 15.04 -2.08 24.76
N LEU A 493 14.12 -2.95 24.39
CA LEU A 493 14.44 -4.22 23.68
C LEU A 493 15.00 -3.91 22.29
N ALA A 494 15.89 -4.75 21.77
CA ALA A 494 16.48 -4.53 20.43
C ALA A 494 15.42 -4.64 19.33
N PRO A 495 15.58 -3.90 18.22
CA PRO A 495 14.55 -3.94 17.20
C PRO A 495 14.31 -5.31 16.55
N ILE A 496 13.10 -5.55 16.09
CA ILE A 496 12.71 -6.78 15.38
C ILE A 496 13.39 -6.81 14.01
N THR A 497 14.07 -7.91 13.63
CA THR A 497 14.67 -8.05 12.31
C THR A 497 13.81 -8.99 11.45
N GLY A 498 13.49 -8.53 10.25
CA GLY A 498 12.74 -9.35 9.28
C GLY A 498 13.73 -9.84 8.24
N ASN A 499 14.12 -11.09 8.31
CA ASN A 499 15.15 -11.67 7.40
C ASN A 499 14.49 -12.46 6.30
N ASN A 500 14.86 -12.19 5.06
CA ASN A 500 14.25 -12.85 3.88
C ASN A 500 15.33 -13.68 3.15
N TYR A 501 15.09 -14.97 3.00
CA TYR A 501 16.03 -15.88 2.28
C TYR A 501 15.30 -16.28 1.00
N GLU A 502 15.92 -16.04 -0.16
CA GLU A 502 15.19 -16.31 -1.41
C GLU A 502 16.08 -16.96 -2.46
N LEU A 503 15.45 -17.80 -3.24
CA LEU A 503 16.01 -18.48 -4.41
C LEU A 503 14.96 -18.33 -5.48
N GLY A 504 15.39 -18.21 -6.72
CA GLY A 504 14.43 -18.05 -7.81
C GLY A 504 15.00 -18.18 -9.19
N LEU A 505 14.14 -18.00 -10.20
CA LEU A 505 14.39 -18.12 -11.65
C LEU A 505 13.60 -17.03 -12.37
N LYS A 506 14.28 -16.21 -13.18
CA LYS A 506 13.66 -15.13 -13.96
C LYS A 506 13.98 -15.32 -15.43
N SER A 507 13.02 -14.95 -16.28
CA SER A 507 13.20 -14.98 -17.74
C SER A 507 12.86 -13.63 -18.36
N ASP A 508 13.56 -13.28 -19.43
CA ASP A 508 13.40 -12.03 -20.17
C ASP A 508 13.32 -12.41 -21.64
N TRP A 509 12.36 -11.83 -22.37
CA TRP A 509 12.14 -12.07 -23.83
C TRP A 509 11.85 -10.75 -24.55
N MET A 510 12.16 -10.65 -25.84
CA MET A 510 11.86 -9.44 -26.64
C MET A 510 12.38 -8.15 -25.98
N ASN A 511 13.65 -8.09 -25.58
CA ASN A 511 14.22 -6.86 -24.95
C ASN A 511 13.38 -6.43 -23.74
N SER A 512 13.02 -7.39 -22.87
CA SER A 512 12.26 -7.23 -21.60
C SER A 512 10.76 -6.99 -21.85
N ARG A 513 10.29 -7.16 -23.08
CA ARG A 513 8.84 -6.98 -23.38
C ARG A 513 8.00 -8.06 -22.69
N LEU A 514 8.54 -9.26 -22.48
CA LEU A 514 7.83 -10.35 -21.78
C LEU A 514 8.76 -10.95 -20.71
N THR A 515 8.32 -11.04 -19.46
CA THR A 515 9.16 -11.55 -18.39
C THR A 515 8.39 -12.53 -17.53
N THR A 516 9.13 -13.43 -16.89
CA THR A 516 8.51 -14.37 -15.93
C THR A 516 9.39 -14.42 -14.68
N THR A 517 8.79 -14.67 -13.53
CA THR A 517 9.60 -14.75 -12.28
C THR A 517 9.07 -15.90 -11.43
N LEU A 518 9.95 -16.72 -10.89
CA LEU A 518 9.53 -17.77 -9.94
C LEU A 518 10.37 -17.54 -8.68
N ALA A 519 9.74 -17.28 -7.55
CA ALA A 519 10.46 -17.05 -6.30
C ALA A 519 10.04 -18.04 -5.23
N ILE A 520 11.02 -18.55 -4.47
CA ILE A 520 10.82 -19.40 -3.28
C ILE A 520 11.46 -18.60 -2.15
N PHE A 521 10.68 -18.25 -1.13
CA PHE A 521 11.14 -17.43 -0.01
C PHE A 521 10.92 -18.08 1.32
N ARG A 522 11.69 -17.62 2.31
CA ARG A 522 11.56 -17.94 3.73
C ARG A 522 11.85 -16.64 4.50
N ILE A 523 10.93 -16.25 5.37
CA ILE A 523 11.08 -15.09 6.24
C ILE A 523 11.17 -15.48 7.68
N GLU A 524 12.22 -15.01 8.35
CA GLU A 524 12.43 -15.21 9.77
C GLU A 524 12.43 -13.88 10.48
N GLN A 525 11.34 -13.61 11.20
CA GLN A 525 11.18 -12.41 12.02
C GLN A 525 11.81 -12.73 13.39
N ASP A 526 12.87 -12.00 13.79
CA ASP A 526 13.62 -12.26 15.04
C ASP A 526 13.63 -11.09 16.02
N ASN A 527 13.97 -11.37 17.31
CA ASN A 527 14.08 -10.44 18.44
C ASN A 527 12.72 -9.84 18.82
N VAL A 528 11.63 -10.56 18.55
CA VAL A 528 10.25 -10.14 18.85
C VAL A 528 10.03 -10.15 20.38
N ALA A 529 9.43 -9.10 20.92
CA ALA A 529 9.21 -9.02 22.38
C ALA A 529 8.13 -10.00 22.81
N GLN A 530 8.40 -10.63 23.93
CA GLN A 530 7.51 -11.58 24.57
C GLN A 530 7.53 -11.31 26.08
N SER A 531 6.35 -11.09 26.63
CA SER A 531 6.20 -10.80 28.09
C SER A 531 6.72 -11.94 28.97
N THR A 532 7.45 -11.61 30.02
CA THR A 532 8.01 -12.57 30.99
C THR A 532 7.00 -12.93 32.09
N GLY A 533 6.05 -12.01 32.33
CA GLY A 533 5.04 -12.17 33.37
C GLY A 533 5.52 -11.74 34.75
N THR A 534 6.65 -11.04 34.75
CA THR A 534 7.31 -10.48 35.95
C THR A 534 7.50 -8.97 35.71
N PRO A 535 7.25 -8.08 36.68
CA PRO A 535 7.43 -6.64 36.39
C PRO A 535 8.91 -6.22 36.40
N ILE A 536 9.20 -5.00 36.00
CA ILE A 536 10.60 -4.48 35.94
C ILE A 536 11.04 -3.97 37.31
N PRO A 537 12.14 -4.47 37.86
CA PRO A 537 12.58 -3.99 39.19
C PRO A 537 12.90 -2.50 39.17
N GLY A 538 12.32 -1.75 40.11
CA GLY A 538 12.48 -0.31 40.22
C GLY A 538 11.66 0.46 39.22
N SER A 539 10.41 0.00 38.97
CA SER A 539 9.44 0.62 38.05
C SER A 539 8.02 0.52 38.61
N ASN A 540 7.04 1.21 37.97
CA ASN A 540 5.64 1.19 38.40
C ASN A 540 4.81 0.13 37.66
N GLY A 541 5.17 -1.13 37.89
CA GLY A 541 4.45 -2.25 37.26
C GLY A 541 4.79 -2.41 35.79
N GLU A 542 5.87 -1.81 35.29
CA GLU A 542 6.21 -1.97 33.85
C GLU A 542 6.48 -3.45 33.62
N THR A 543 5.83 -4.07 32.65
CA THR A 543 6.04 -5.53 32.41
C THR A 543 7.40 -5.76 31.75
N ALA A 544 8.17 -6.75 32.17
CA ALA A 544 9.50 -7.07 31.60
C ALA A 544 9.34 -7.91 30.33
N TYR A 545 10.11 -7.66 29.27
CA TYR A 545 9.93 -8.43 28.02
C TYR A 545 11.21 -9.18 27.65
N LYS A 546 11.09 -10.29 26.93
CA LYS A 546 12.28 -11.03 26.45
C LYS A 546 12.26 -11.15 24.92
N ALA A 547 13.38 -10.95 24.26
CA ALA A 547 13.45 -11.09 22.79
C ALA A 547 13.47 -12.58 22.43
N VAL A 548 12.55 -12.98 21.57
CA VAL A 548 12.37 -14.37 21.11
C VAL A 548 12.14 -14.38 19.59
N ASP A 549 12.21 -15.58 18.96
CA ASP A 549 11.93 -15.78 17.52
C ASP A 549 10.43 -15.48 17.31
N GLY A 550 10.13 -14.74 16.25
CA GLY A 550 8.77 -14.32 15.91
C GLY A 550 8.14 -15.14 14.81
N THR A 551 7.45 -14.47 13.85
CA THR A 551 6.76 -15.16 12.77
C THR A 551 7.72 -15.75 11.74
N VAL A 552 7.40 -16.96 11.32
CA VAL A 552 8.16 -17.65 10.23
C VAL A 552 7.20 -17.74 9.05
N SER A 553 7.57 -17.21 7.89
CA SER A 553 6.69 -17.30 6.71
C SER A 553 7.45 -17.99 5.58
N LYS A 554 6.77 -18.81 4.81
CA LYS A 554 7.46 -19.53 3.71
C LYS A 554 6.48 -19.71 2.55
N GLY A 555 6.94 -19.55 1.32
CA GLY A 555 6.08 -19.73 0.18
C GLY A 555 6.77 -19.61 -1.15
N VAL A 556 5.95 -19.66 -2.20
CA VAL A 556 6.35 -19.59 -3.59
C VAL A 556 5.46 -18.58 -4.34
N GLU A 557 6.06 -17.82 -5.27
CA GLU A 557 5.38 -16.84 -6.11
C GLU A 557 5.80 -17.09 -7.55
N PHE A 558 4.87 -16.99 -8.47
CA PHE A 558 5.19 -17.14 -9.92
C PHE A 558 4.43 -16.07 -10.69
N GLU A 559 5.11 -15.25 -11.49
CA GLU A 559 4.36 -14.23 -12.29
C GLU A 559 4.89 -14.17 -13.72
N LEU A 560 3.97 -14.08 -14.67
CA LEU A 560 4.29 -13.90 -16.11
C LEU A 560 3.77 -12.51 -16.47
N ASN A 561 4.61 -11.60 -16.95
CA ASN A 561 4.12 -10.23 -17.26
C ASN A 561 4.61 -9.74 -18.63
N GLY A 562 3.76 -9.30 -19.53
CA GLY A 562 4.31 -8.80 -20.81
C GLY A 562 3.42 -9.08 -22.01
N ALA A 563 4.00 -9.00 -23.20
CA ALA A 563 3.24 -9.23 -24.44
C ALA A 563 3.45 -10.66 -24.94
N ILE A 564 2.39 -11.43 -25.05
CA ILE A 564 2.49 -12.82 -25.61
C ILE A 564 2.76 -12.59 -27.10
N THR A 565 1.97 -11.70 -27.68
CA THR A 565 2.09 -11.27 -29.10
C THR A 565 2.05 -9.72 -29.14
N ASP A 566 2.09 -9.13 -30.32
CA ASP A 566 2.10 -7.66 -30.42
C ASP A 566 0.80 -7.02 -29.96
N ASN A 567 -0.32 -7.72 -30.12
CA ASN A 567 -1.61 -7.15 -29.70
C ASN A 567 -2.18 -7.89 -28.49
N TRP A 568 -1.41 -8.76 -27.84
CA TRP A 568 -1.92 -9.50 -26.66
C TRP A 568 -0.98 -9.28 -25.47
N GLN A 569 -1.46 -8.55 -24.47
CA GLN A 569 -0.69 -8.27 -23.23
C GLN A 569 -1.35 -9.07 -22.11
N LEU A 570 -0.58 -9.82 -21.34
CA LEU A 570 -1.18 -10.65 -20.28
C LEU A 570 -0.29 -10.63 -19.04
N THR A 571 -0.91 -10.48 -17.89
CA THR A 571 -0.19 -10.54 -16.59
C THR A 571 -0.80 -11.72 -15.85
N PHE A 572 -0.02 -12.70 -15.42
CA PHE A 572 -0.61 -13.87 -14.73
C PHE A 572 0.25 -14.21 -13.52
N GLY A 573 -0.37 -14.28 -12.35
CA GLY A 573 0.38 -14.57 -11.13
C GLY A 573 -0.36 -15.55 -10.24
N ALA A 574 0.39 -16.22 -9.40
CA ALA A 574 -0.12 -17.20 -8.44
C ALA A 574 0.84 -17.34 -7.28
N THR A 575 0.30 -17.46 -6.07
CA THR A 575 1.14 -17.64 -4.90
C THR A 575 0.47 -18.57 -3.91
N ARG A 576 1.29 -19.22 -3.09
CA ARG A 576 0.89 -20.05 -1.96
C ARG A 576 1.95 -19.88 -0.90
N TYR A 577 1.51 -19.63 0.34
CA TYR A 577 2.47 -19.41 1.45
C TYR A 577 1.86 -19.89 2.77
N ILE A 578 2.72 -19.99 3.76
CA ILE A 578 2.33 -20.39 5.14
C ILE A 578 2.96 -19.38 6.09
N ALA A 579 2.19 -18.84 7.02
CA ALA A 579 2.72 -17.88 8.01
C ALA A 579 2.27 -18.36 9.40
N GLU A 580 3.19 -18.53 10.33
CA GLU A 580 2.82 -19.03 11.69
C GLU A 580 3.67 -18.31 12.74
N ASP A 581 3.12 -18.10 13.94
CA ASP A 581 3.84 -17.47 15.04
C ASP A 581 4.75 -18.49 15.76
N ASN A 582 5.54 -18.03 16.76
CA ASN A 582 6.44 -18.91 17.53
C ASN A 582 5.75 -20.16 18.10
N GLU A 583 4.48 -20.01 18.53
CA GLU A 583 3.61 -21.06 19.08
C GLU A 583 3.25 -22.13 18.02
N GLY A 584 3.11 -21.71 16.77
CA GLY A 584 2.77 -22.58 15.65
C GLY A 584 1.40 -22.30 15.05
N ASN A 585 0.74 -21.23 15.52
CA ASN A 585 -0.58 -20.83 15.02
C ASN A 585 -0.47 -19.88 13.85
N ALA A 586 -1.35 -20.08 12.85
CA ALA A 586 -1.45 -19.29 11.63
C ALA A 586 -1.56 -17.80 11.95
N VAL A 587 -0.70 -16.97 11.33
CA VAL A 587 -0.65 -15.51 11.53
C VAL A 587 -1.61 -14.88 10.53
N ASN A 588 -2.57 -14.06 11.00
CA ASN A 588 -3.57 -13.41 10.14
C ASN A 588 -4.32 -14.48 9.28
N PRO A 589 -5.06 -15.45 9.91
CA PRO A 589 -5.76 -16.48 9.10
C PRO A 589 -6.86 -15.95 8.18
N ASN A 590 -7.23 -14.66 8.37
CA ASN A 590 -8.22 -13.90 7.57
C ASN A 590 -7.70 -13.61 6.13
N LEU A 591 -6.41 -13.67 5.88
CA LEU A 591 -5.77 -13.39 4.55
C LEU A 591 -5.55 -14.71 3.75
N PRO A 592 -5.86 -14.75 2.45
CA PRO A 592 -5.72 -16.00 1.71
C PRO A 592 -4.28 -16.48 1.56
N ARG A 593 -4.09 -17.77 1.81
CA ARG A 593 -2.77 -18.42 1.70
C ARG A 593 -2.49 -18.69 0.21
N THR A 594 -3.51 -18.99 -0.58
CA THR A 594 -3.37 -19.24 -2.01
C THR A 594 -4.17 -18.23 -2.82
N THR A 595 -3.53 -17.57 -3.76
CA THR A 595 -4.24 -16.59 -4.62
C THR A 595 -3.75 -16.69 -6.08
N VAL A 596 -4.63 -16.37 -7.01
CA VAL A 596 -4.30 -16.35 -8.46
C VAL A 596 -4.83 -15.03 -9.01
N LYS A 597 -3.96 -14.14 -9.46
CA LYS A 597 -4.42 -12.85 -10.02
C LYS A 597 -3.98 -12.74 -11.48
N MET A 598 -4.91 -12.53 -12.40
CA MET A 598 -4.51 -12.40 -13.82
C MET A 598 -5.31 -11.28 -14.48
N PHE A 599 -4.70 -10.59 -15.44
CA PHE A 599 -5.41 -9.53 -16.22
C PHE A 599 -4.88 -9.56 -17.66
N THR A 600 -5.73 -9.34 -18.64
CA THR A 600 -5.25 -9.41 -20.04
C THR A 600 -5.87 -8.29 -20.89
N SER A 601 -5.18 -7.97 -21.98
CA SER A 601 -5.58 -6.95 -22.99
C SER A 601 -5.40 -7.57 -24.37
N TYR A 602 -6.43 -7.60 -25.20
CA TYR A 602 -6.39 -8.19 -26.52
C TYR A 602 -6.98 -7.25 -27.56
N ARG A 603 -6.12 -6.77 -28.49
CA ARG A 603 -6.48 -5.90 -29.59
C ARG A 603 -6.72 -6.81 -30.80
N LEU A 604 -7.89 -6.73 -31.44
CA LEU A 604 -8.22 -7.60 -32.58
C LEU A 604 -7.36 -7.33 -33.83
N PRO A 605 -6.54 -8.30 -34.30
CA PRO A 605 -5.72 -8.05 -35.52
C PRO A 605 -6.51 -7.55 -36.73
N VAL A 606 -7.76 -8.04 -36.91
CA VAL A 606 -8.61 -7.62 -38.03
C VAL A 606 -9.29 -6.26 -37.74
N MET A 607 -9.51 -5.95 -36.45
CA MET A 607 -10.12 -4.68 -36.06
C MET A 607 -9.25 -4.03 -34.97
N PRO A 608 -8.09 -3.42 -35.34
CA PRO A 608 -7.17 -2.88 -34.32
C PRO A 608 -7.68 -1.66 -33.55
N GLU A 609 -8.87 -1.17 -33.91
CA GLU A 609 -9.52 -0.07 -33.23
C GLU A 609 -10.22 -0.60 -31.99
N LEU A 610 -10.45 -1.92 -31.94
CA LEU A 610 -11.10 -2.59 -30.82
C LEU A 610 -10.11 -3.39 -29.96
N THR A 611 -10.19 -3.23 -28.65
CA THR A 611 -9.37 -3.91 -27.63
C THR A 611 -10.39 -4.42 -26.59
N VAL A 612 -10.33 -5.72 -26.28
CA VAL A 612 -11.17 -6.39 -25.29
C VAL A 612 -10.27 -6.99 -24.21
N GLY A 613 -10.84 -7.25 -23.04
CA GLY A 613 -10.04 -7.86 -21.99
C GLY A 613 -10.79 -8.00 -20.70
N GLY A 614 -10.02 -8.14 -19.65
CA GLY A 614 -10.61 -8.35 -18.31
C GLY A 614 -9.66 -9.13 -17.44
N GLY A 615 -10.14 -9.63 -16.32
CA GLY A 615 -9.24 -10.41 -15.45
C GLY A 615 -9.98 -11.17 -14.37
N VAL A 616 -9.30 -12.10 -13.73
CA VAL A 616 -9.91 -12.89 -12.61
C VAL A 616 -8.97 -12.84 -11.42
N ASN A 617 -9.50 -12.53 -10.24
CA ASN A 617 -8.73 -12.53 -8.97
C ASN A 617 -9.30 -13.68 -8.14
N TRP A 618 -8.53 -14.72 -7.88
CA TRP A 618 -9.07 -15.89 -7.13
C TRP A 618 -8.35 -16.04 -5.80
N GLN A 619 -9.08 -16.40 -4.76
CA GLN A 619 -8.53 -16.65 -3.45
C GLN A 619 -9.24 -17.83 -2.80
N ASN A 620 -8.49 -18.58 -2.02
CA ASN A 620 -9.02 -19.76 -1.31
C ASN A 620 -9.72 -19.34 -0.01
N ARG A 621 -10.20 -20.32 0.74
CA ARG A 621 -10.96 -20.11 1.99
C ARG A 621 -10.15 -19.35 3.02
N VAL A 622 -10.80 -18.47 3.78
CA VAL A 622 -10.16 -17.74 4.90
C VAL A 622 -11.05 -17.86 6.15
N TYR A 623 -10.50 -17.61 7.31
CA TYR A 623 -11.27 -17.72 8.56
C TYR A 623 -10.69 -16.83 9.66
N THR A 624 -11.42 -16.69 10.79
CA THR A 624 -10.96 -16.02 12.01
C THR A 624 -11.76 -16.53 13.18
N ASP A 625 -11.06 -16.96 14.24
CA ASP A 625 -11.68 -17.40 15.48
C ASP A 625 -11.84 -16.21 16.42
N THR A 626 -13.02 -16.12 16.99
CA THR A 626 -13.37 -15.07 17.98
C THR A 626 -13.67 -15.75 19.31
N VAL A 627 -12.79 -15.60 20.29
CA VAL A 627 -13.00 -16.19 21.64
C VAL A 627 -13.98 -15.29 22.40
N THR A 628 -15.19 -15.75 22.63
CA THR A 628 -16.21 -14.94 23.36
C THR A 628 -16.55 -15.63 24.69
N PRO A 629 -17.41 -15.01 25.51
CA PRO A 629 -17.91 -15.50 26.80
C PRO A 629 -18.72 -16.79 26.60
N TYR A 630 -19.47 -16.84 25.50
CA TYR A 630 -20.35 -17.99 25.17
C TYR A 630 -19.58 -19.10 24.46
N GLY A 631 -18.29 -18.90 24.14
CA GLY A 631 -17.53 -19.95 23.45
C GLY A 631 -16.67 -19.39 22.33
N THR A 632 -16.18 -20.23 21.43
CA THR A 632 -15.34 -19.71 20.31
C THR A 632 -16.19 -19.64 19.04
N PHE A 633 -16.26 -18.48 18.42
CA PHE A 633 -17.05 -18.32 17.16
C PHE A 633 -16.07 -18.17 16.00
N ARG A 634 -16.20 -18.99 14.97
CA ARG A 634 -15.24 -18.93 13.83
C ARG A 634 -15.89 -18.29 12.61
N ALA A 635 -15.33 -17.18 12.14
CA ALA A 635 -15.85 -16.50 10.93
C ALA A 635 -15.35 -17.27 9.70
N GLU A 636 -16.19 -17.43 8.69
CA GLU A 636 -15.79 -18.17 7.50
C GLU A 636 -16.10 -17.42 6.22
N GLN A 637 -15.18 -17.51 5.28
CA GLN A 637 -15.34 -16.92 3.97
C GLN A 637 -14.68 -17.92 3.06
N GLY A 638 -15.51 -18.68 2.35
CA GLY A 638 -15.07 -19.71 1.42
C GLY A 638 -14.37 -19.13 0.22
N SER A 639 -13.94 -20.02 -0.71
CA SER A 639 -13.26 -19.66 -1.96
C SER A 639 -14.14 -18.81 -2.84
N TYR A 640 -13.55 -17.81 -3.50
CA TYR A 640 -14.27 -16.99 -4.47
C TYR A 640 -13.34 -16.35 -5.46
N ALA A 641 -13.87 -16.08 -6.65
CA ALA A 641 -13.23 -15.35 -7.72
C ALA A 641 -14.00 -14.04 -7.94
N LEU A 642 -13.32 -13.04 -8.48
CA LEU A 642 -13.90 -11.75 -8.88
C LEU A 642 -13.47 -11.54 -10.33
N VAL A 643 -14.45 -11.30 -11.22
CA VAL A 643 -14.22 -11.16 -12.65
C VAL A 643 -14.49 -9.71 -13.09
N ASP A 644 -13.52 -9.12 -13.80
CA ASP A 644 -13.59 -7.77 -14.37
C ASP A 644 -13.45 -7.93 -15.87
N LEU A 645 -14.21 -7.16 -16.66
CA LEU A 645 -14.14 -7.16 -18.12
C LEU A 645 -14.06 -5.73 -18.60
N PHE A 646 -13.32 -5.46 -19.68
CA PHE A 646 -13.24 -4.13 -20.27
C PHE A 646 -13.25 -4.25 -21.78
N THR A 647 -13.67 -3.16 -22.46
CA THR A 647 -13.63 -3.01 -23.91
C THR A 647 -13.29 -1.55 -24.21
N ARG A 648 -12.49 -1.31 -25.23
CA ARG A 648 -12.12 0.02 -25.66
C ARG A 648 -12.20 0.11 -27.17
N TYR A 649 -12.87 1.15 -27.66
CA TYR A 649 -13.01 1.35 -29.11
C TYR A 649 -12.39 2.69 -29.44
N GLN A 650 -11.45 2.70 -30.39
CA GLN A 650 -10.80 3.93 -30.84
C GLN A 650 -11.65 4.52 -31.97
N VAL A 651 -12.58 5.45 -31.63
CA VAL A 651 -13.52 6.09 -32.58
C VAL A 651 -12.74 6.90 -33.60
N THR A 652 -11.77 7.71 -33.14
CA THR A 652 -10.93 8.52 -34.04
C THR A 652 -9.52 8.44 -33.46
N LYS A 653 -8.51 9.06 -34.11
CA LYS A 653 -7.13 9.08 -33.59
C LYS A 653 -7.08 9.80 -32.22
N ASN A 654 -8.07 10.68 -31.98
CA ASN A 654 -8.17 11.44 -30.73
C ASN A 654 -9.14 10.86 -29.72
N PHE A 655 -10.37 10.47 -30.16
CA PHE A 655 -11.44 10.03 -29.26
C PHE A 655 -11.60 8.51 -29.13
N SER A 656 -11.71 8.02 -27.88
CA SER A 656 -11.95 6.61 -27.58
C SER A 656 -13.07 6.45 -26.51
N LEU A 657 -13.73 5.29 -26.50
CA LEU A 657 -14.79 4.93 -25.57
C LEU A 657 -14.42 3.61 -24.87
N GLN A 658 -14.31 3.65 -23.56
CA GLN A 658 -13.96 2.44 -22.78
C GLN A 658 -15.15 2.04 -21.90
N GLY A 659 -15.50 0.79 -21.86
CA GLY A 659 -16.58 0.28 -20.99
C GLY A 659 -15.99 -0.75 -20.03
N ASN A 660 -16.23 -0.66 -18.72
CA ASN A 660 -15.68 -1.63 -17.75
C ASN A 660 -16.80 -2.20 -16.88
N VAL A 661 -16.70 -3.48 -16.55
CA VAL A 661 -17.61 -4.21 -15.66
C VAL A 661 -16.70 -4.77 -14.57
N ASN A 662 -17.04 -4.55 -13.31
CA ASN A 662 -16.26 -5.07 -12.19
C ASN A 662 -17.16 -5.98 -11.38
N ASN A 663 -16.62 -7.11 -10.88
CA ASN A 663 -17.36 -8.14 -10.15
C ASN A 663 -18.61 -8.58 -10.97
N LEU A 664 -18.34 -9.08 -12.18
CA LEU A 664 -19.32 -9.52 -13.19
C LEU A 664 -20.38 -10.49 -12.66
N PHE A 665 -19.98 -11.43 -11.80
CA PHE A 665 -20.91 -12.43 -11.26
C PHE A 665 -21.64 -11.97 -9.98
N ASP A 666 -21.42 -10.70 -9.60
CA ASP A 666 -22.00 -10.04 -8.42
C ASP A 666 -21.78 -10.86 -7.15
N LYS A 667 -20.52 -11.22 -6.89
CA LYS A 667 -20.19 -11.97 -5.69
C LYS A 667 -20.36 -11.14 -4.43
N THR A 668 -21.07 -11.71 -3.42
CA THR A 668 -21.20 -11.17 -2.07
C THR A 668 -20.05 -11.80 -1.30
N TYR A 669 -19.16 -10.95 -0.77
CA TYR A 669 -17.99 -11.44 -0.05
C TYR A 669 -17.59 -10.46 1.05
N ASP A 670 -16.85 -10.95 2.04
CA ASP A 670 -16.43 -10.17 3.20
C ASP A 670 -14.98 -9.71 3.08
N THR A 671 -14.73 -8.42 3.27
CA THR A 671 -13.36 -7.90 3.22
C THR A 671 -12.77 -7.73 4.66
N ASN A 672 -13.56 -8.08 5.70
CA ASN A 672 -13.10 -7.95 7.08
C ASN A 672 -13.41 -9.18 7.92
N VAL A 673 -12.86 -10.31 7.48
CA VAL A 673 -13.01 -11.58 8.16
C VAL A 673 -12.45 -11.53 9.60
N GLU A 674 -11.47 -10.67 9.83
CA GLU A 674 -10.82 -10.53 11.15
C GLU A 674 -11.65 -9.71 12.14
N GLY A 675 -12.72 -9.07 11.73
CA GLY A 675 -13.58 -8.29 12.61
C GLY A 675 -15.05 -8.42 12.26
N SER A 676 -15.77 -7.29 12.31
CA SER A 676 -17.19 -7.20 11.96
C SER A 676 -17.34 -7.19 10.42
N ILE A 677 -18.48 -7.59 9.96
CA ILE A 677 -18.80 -7.77 8.53
C ILE A 677 -18.63 -6.49 7.72
N VAL A 678 -17.75 -6.52 6.73
CA VAL A 678 -17.61 -5.39 5.77
C VAL A 678 -17.80 -6.01 4.37
N TYR A 679 -18.79 -5.64 3.60
CA TYR A 679 -18.93 -6.31 2.29
C TYR A 679 -17.99 -5.71 1.22
N GLY A 680 -17.66 -6.55 0.29
CA GLY A 680 -16.87 -6.12 -0.86
C GLY A 680 -17.74 -5.46 -1.89
N THR A 681 -17.11 -4.80 -2.86
CA THR A 681 -17.83 -4.08 -3.92
C THR A 681 -18.76 -4.98 -4.75
N PRO A 682 -20.08 -4.66 -4.83
CA PRO A 682 -20.98 -5.42 -5.72
C PRO A 682 -20.66 -5.13 -7.20
N ARG A 683 -21.42 -5.78 -8.11
CA ARG A 683 -21.26 -5.55 -9.54
C ARG A 683 -21.37 -4.06 -9.84
N ASN A 684 -20.43 -3.53 -10.66
CA ASN A 684 -20.46 -2.12 -11.03
C ASN A 684 -20.05 -1.94 -12.49
N PHE A 685 -20.67 -0.95 -13.16
CA PHE A 685 -20.43 -0.64 -14.56
C PHE A 685 -19.81 0.75 -14.70
N SER A 686 -19.12 0.98 -15.80
CA SER A 686 -18.43 2.27 -16.01
C SER A 686 -18.24 2.55 -17.51
N ILE A 687 -18.53 3.76 -17.96
CA ILE A 687 -18.36 4.26 -19.36
C ILE A 687 -17.42 5.44 -19.31
N THR A 688 -16.42 5.44 -20.13
CA THR A 688 -15.40 6.50 -20.13
C THR A 688 -15.11 6.95 -21.56
N GLY A 689 -15.15 8.24 -21.82
CA GLY A 689 -14.83 8.89 -23.09
C GLY A 689 -13.53 9.65 -22.89
N THR A 690 -12.54 9.43 -23.75
CA THR A 690 -11.22 10.05 -23.66
C THR A 690 -10.84 10.78 -24.96
N TYR A 691 -10.32 11.98 -24.82
CA TYR A 691 -9.84 12.77 -25.98
C TYR A 691 -8.33 12.99 -25.78
N GLN A 692 -7.52 12.36 -26.62
CA GLN A 692 -6.05 12.39 -26.55
C GLN A 692 -5.54 13.23 -27.74
N PHE A 693 -4.25 13.66 -27.70
CA PHE A 693 -3.63 14.48 -28.78
C PHE A 693 -2.11 14.49 -28.70
C1 BOG B . 17.44 -20.55 1.54
O1 BOG B . 18.29 -19.44 1.67
C2 BOG B . 17.10 -21.03 2.94
O2 BOG B . 18.29 -21.43 3.62
C3 BOG B . 16.12 -22.18 2.88
O3 BOG B . 15.77 -22.58 4.20
C4 BOG B . 14.90 -21.74 2.13
O4 BOG B . 14.02 -22.82 1.92
C5 BOG B . 15.27 -21.18 0.78
O5 BOG B . 16.27 -20.18 0.85
C6 BOG B . 14.01 -20.61 0.19
O6 BOG B . 13.94 -20.88 -1.20
C1' BOG B . 18.78 -18.92 0.44
C2' BOG B . 20.17 -18.38 0.74
C3' BOG B . 20.43 -17.04 0.10
C4' BOG B . 21.85 -16.60 0.39
C5' BOG B . 22.37 -15.73 -0.73
C6' BOG B . 23.85 -15.43 -0.60
C7' BOG B . 24.32 -14.64 -1.80
C8' BOG B . 25.66 -13.99 -1.55
H1 BOG B . 17.95 -21.36 1.00
H2 BOG B . 16.63 -20.20 3.49
HO2 BOG B . 18.90 -20.69 3.66
H3 BOG B . 16.60 -23.02 2.34
HO3 BOG B . 16.55 -22.87 4.68
H4 BOG B . 14.40 -20.95 2.71
HO4 BOG B . 13.75 -23.19 2.79
H5 BOG B . 15.62 -22.00 0.14
H61 BOG B . 13.98 -19.53 0.35
H62 BOG B . 13.14 -21.05 0.68
HO6 BOG B . 14.08 -20.06 -1.70
H1'1 BOG B . 18.13 -18.11 0.08
H1'2 BOG B . 18.83 -19.70 -0.32
H2'1 BOG B . 20.90 -19.09 0.37
H2'2 BOG B . 20.30 -18.29 1.82
H3'1 BOG B . 19.74 -16.30 0.50
H3'2 BOG B . 20.27 -17.10 -0.98
H4'1 BOG B . 22.49 -17.48 0.49
H4'2 BOG B . 21.89 -16.05 1.32
H5'1 BOG B . 21.83 -14.78 -0.73
H5'2 BOG B . 22.19 -16.21 -1.69
H6'1 BOG B . 24.41 -16.36 -0.52
H6'2 BOG B . 24.02 -14.85 0.32
H7'1 BOG B . 23.58 -13.87 -2.04
H7'2 BOG B . 24.40 -15.31 -2.66
H8'1 BOG B . 25.84 -13.26 -2.29
H8'2 BOG B . 26.42 -14.73 -1.60
H8'3 BOG B . 25.66 -13.54 -0.59
C1 BOG C . 11.32 -26.61 0.80
O1 BOG C . 11.05 -25.44 0.04
C2 BOG C . 12.15 -26.20 1.99
O2 BOG C . 13.34 -25.55 1.56
C3 BOG C . 12.51 -27.43 2.79
O3 BOG C . 13.23 -27.00 3.93
C4 BOG C . 11.25 -28.17 3.17
O4 BOG C . 11.62 -29.43 3.73
C5 BOG C . 10.37 -28.44 1.98
O5 BOG C . 10.13 -27.25 1.21
C6 BOG C . 9.04 -29.01 2.44
O6 BOG C . 8.09 -28.90 1.40
C1' BOG C . 11.18 -25.69 -1.35
C2' BOG C . 12.60 -25.30 -1.76
C3' BOG C . 12.94 -25.88 -3.12
C4' BOG C . 14.00 -25.02 -3.78
C5' BOG C . 15.39 -25.37 -3.28
C6' BOG C . 16.27 -25.88 -4.41
C7' BOG C . 15.56 -26.95 -5.22
C8' BOG C . 16.38 -27.31 -6.43
H1 BOG C . 11.92 -27.30 0.19
H2 BOG C . 11.55 -25.52 2.62
HO2 BOG C . 13.11 -24.77 1.04
H3 BOG C . 13.14 -28.08 2.18
HO3 BOG C . 14.02 -26.52 3.66
H4 BOG C . 10.69 -27.58 3.91
HO4 BOG C . 12.18 -29.30 4.51
H5 BOG C . 10.86 -29.19 1.34
H61 BOG C . 8.70 -28.47 3.32
H62 BOG C . 9.18 -30.05 2.72
HO6 BOG C . 7.60 -28.08 1.50
H1'1 BOG C . 10.46 -25.10 -1.92
H1'2 BOG C . 11.00 -26.75 -1.56
H2'1 BOG C . 13.31 -25.68 -1.02
H2'2 BOG C . 12.69 -24.22 -1.80
H3'1 BOG C . 12.05 -25.90 -3.75
H3'2 BOG C . 13.31 -26.91 -3.01
H4'1 BOG C . 13.80 -23.97 -3.57
H4'2 BOG C . 13.96 -25.15 -4.86
H5'1 BOG C . 15.32 -26.14 -2.51
H5'2 BOG C . 15.85 -24.49 -2.83
H6'1 BOG C . 17.20 -26.29 -4.00
H6'2 BOG C . 16.53 -25.05 -5.07
H7'1 BOG C . 14.58 -26.60 -5.54
H7'2 BOG C . 15.42 -27.84 -4.60
H8'1 BOG C . 15.94 -28.13 -6.93
H8'2 BOG C . 17.36 -27.58 -6.12
H8'3 BOG C . 16.43 -26.48 -7.09
C1 BOG D . 6.93 -25.53 -2.06
O1 BOG D . 7.74 -26.16 -3.06
C2 BOG D . 6.45 -26.63 -1.12
O2 BOG D . 5.43 -27.41 -1.76
C3 BOG D . 5.87 -26.07 0.18
O3 BOG D . 5.66 -27.16 1.10
C4 BOG D . 6.83 -25.05 0.76
O4 BOG D . 6.27 -24.52 1.95
C5 BOG D . 7.07 -23.96 -0.27
O5 BOG D . 7.69 -24.53 -1.41
C6 BOG D . 7.96 -22.85 0.24
O6 BOG D . 9.22 -23.35 0.67
C1' BOG D . 8.14 -25.25 -4.06
C2' BOG D . 7.88 -25.85 -5.42
C3' BOG D . 8.06 -24.81 -6.52
C4' BOG D . 8.45 -25.46 -7.83
C5' BOG D . 9.93 -25.79 -7.82
C6' BOG D . 10.77 -24.55 -7.61
C7' BOG D . 11.98 -24.53 -8.54
C8' BOG D . 12.96 -25.64 -8.23
H1 BOG D . 6.05 -25.08 -2.54
H2 BOG D . 7.30 -27.27 -0.86
HO2 BOG D . 5.79 -27.79 -2.58
H3 BOG D . 4.91 -25.58 -0.05
HO3 BOG D . 5.03 -27.78 0.72
H4 BOG D . 7.79 -25.54 0.98
HO4 BOG D . 6.09 -25.25 2.57
H5 BOG D . 6.10 -23.52 -0.55
H61 BOG D . 7.46 -22.35 1.08
H62 BOG D . 8.11 -22.11 -0.54
HO6 BOG D . 9.66 -22.67 1.22
H1'1 BOG D . 9.20 -25.02 -3.96
H1'2 BOG D . 7.59 -24.31 -3.95
H2'1 BOG D . 6.85 -26.24 -5.46
H2'2 BOG D . 8.56 -26.68 -5.60
H3'1 BOG D . 8.83 -24.09 -6.21
H3'2 BOG D . 7.12 -24.25 -6.64
H4'1 BOG D . 8.23 -24.77 -8.65
H4'2 BOG D . 7.86 -26.36 -7.98
H5'1 BOG D . 10.13 -26.52 -7.03
H5'2 BOG D . 10.20 -26.26 -8.78
H6'1 BOG D . 11.10 -24.51 -6.57
H6'2 BOG D . 10.16 -23.67 -7.80
H7'1 BOG D . 12.49 -23.56 -8.44
H7'2 BOG D . 11.64 -24.63 -9.56
H8'1 BOG D . 13.70 -25.66 -8.99
H8'2 BOG D . 12.45 -26.56 -8.21
H8'3 BOG D . 13.41 -25.45 -7.29
C1 BOG E . -4.71 20.37 -30.24
O1 BOG E . -4.82 20.52 -28.83
C2 BOG E . -3.24 20.31 -30.61
O2 BOG E . -2.66 21.60 -30.41
C3 BOG E . -3.01 19.90 -32.07
O3 BOG E . -1.71 19.27 -32.15
C4 BOG E . -4.02 18.91 -32.62
O4 BOG E . -4.20 19.19 -34.00
C5 BOG E . -5.40 18.97 -31.99
O5 BOG E . -5.35 19.17 -30.60
C6 BOG E . -6.13 17.66 -32.20
O6 BOG E . -7.36 17.67 -31.48
C1' BOG E . -6.15 20.45 -28.35
C2' BOG E . -6.05 20.60 -26.83
C3' BOG E . -7.38 20.52 -26.11
C4' BOG E . -7.14 20.71 -24.62
C5' BOG E . -8.42 20.60 -23.81
C6' BOG E . -8.14 20.96 -22.35
C7' BOG E . -9.39 20.82 -21.50
C8' BOG E . -9.13 21.35 -20.11
H1 BOG E . -5.17 21.22 -30.76
H2 BOG E . -2.75 19.58 -29.97
HO2 BOG E . -2.80 21.87 -29.49
H3 BOG E . -3.02 20.80 -32.70
HO3 BOG E . -1.04 19.90 -31.83
H4 BOG E . -3.62 17.88 -32.50
HO4 BOG E . -3.34 19.13 -34.46
H5 BOG E . -5.96 19.78 -32.47
H61 BOG E . -5.52 16.83 -31.86
H62 BOG E . -6.33 17.52 -33.27
HO6 BOG E . -8.10 17.69 -32.11
H1'1 BOG E . -6.61 19.49 -28.61
H1'2 BOG E . -6.75 21.26 -28.77
H2'1 BOG E . -5.58 21.55 -26.61
H2'2 BOG E . -5.39 19.80 -26.45
H3'1 BOG E . -7.85 19.54 -26.29
H3'2 BOG E . -8.05 21.29 -26.48
H4'1 BOG E . -6.68 21.68 -24.46
H4'2 BOG E . -6.44 19.95 -24.27
H5'1 BOG E . -8.83 19.60 -23.88
H5'2 BOG E . -9.16 21.30 -24.21
H6'1 BOG E . -7.76 21.98 -22.29
H6'2 BOG E . -7.37 20.29 -21.97
H7'1 BOG E . -9.70 19.77 -21.45
H7'2 BOG E . -10.21 21.39 -21.96
H8'1 BOG E . -10.02 21.29 -19.53
H8'2 BOG E . -8.81 22.35 -20.17
H8'3 BOG E . -8.38 20.76 -19.65
C1 BOG F . -7.86 22.18 -33.61
O1 BOG F . -9.06 21.77 -32.97
C2 BOG F . -8.20 23.00 -34.85
O2 BOG F . -8.96 22.23 -35.77
C3 BOG F . -6.95 23.48 -35.55
O3 BOG F . -7.29 24.35 -36.63
C4 BOG F . -6.10 24.24 -34.55
O4 BOG F . -4.82 24.53 -35.10
C5 BOG F . -5.85 23.41 -33.31
O5 BOG F . -7.06 22.96 -32.73
C6 BOG F . -5.07 24.27 -32.33
O6 BOG F . -5.07 23.64 -31.06
C1' BOG F . -8.80 21.00 -31.80
C2' BOG F . -10.10 20.65 -31.08
C3' BOG F . -9.79 20.25 -29.65
C4' BOG F . -11.01 19.76 -28.90
C5' BOG F . -10.66 19.52 -27.44
C6' BOG F . -11.85 19.10 -26.60
C7' BOG F . -11.46 19.02 -25.14
C8' BOG F . -12.65 18.68 -24.28
H1 BOG F . -7.29 21.30 -33.94
H2 BOG F . -8.79 23.88 -34.54
HO2 BOG F . -9.76 21.90 -35.34
H3 BOG F . -6.39 22.63 -35.91
HO3 BOG F . -7.85 23.87 -37.26
H4 BOG F . -6.60 25.17 -34.26
HO4 BOG F . -4.94 25.04 -35.91
H5 BOG F . -5.22 22.55 -33.58
H61 BOG F . -5.53 25.26 -32.26
H62 BOG F . -4.04 24.40 -32.68
HO6 BOG F . -4.17 23.40 -30.81
H1'1 BOG F . -8.15 21.56 -31.12
H1'2 BOG F . -8.30 20.08 -32.09
H2'1 BOG F . -10.59 19.82 -31.60
H2'2 BOG F . -10.77 21.51 -31.09
H3'1 BOG F . -9.37 21.11 -29.12
H3'2 BOG F . -9.03 19.47 -29.65
H4'1 BOG F . -11.37 18.83 -29.34
H4'2 BOG F . -11.81 20.50 -28.96
H5'1 BOG F . -10.23 20.43 -27.02
H5'2 BOG F . -9.88 18.74 -27.37
H6'1 BOG F . -12.21 18.13 -26.94
H6'2 BOG F . -12.66 19.82 -26.74
H7'1 BOG F . -11.06 19.99 -24.83
H7'2 BOG F . -10.67 18.27 -25.00
H8'1 BOG F . -12.34 18.62 -23.26
H8'2 BOG F . -13.05 17.74 -24.58
H8'3 BOG F . -13.38 19.44 -24.37
C1 HWS G . -11.80 7.68 19.47
C2 HWS G . -10.34 7.87 19.52
C3 HWS G . -9.74 7.38 18.17
C4 HWS G . -8.31 6.95 18.12
C5 HWS G . -7.87 6.56 16.69
N1 HWS G . -8.55 5.43 16.16
C6 HWS G . -9.35 5.49 15.14
O1 HWS G . -12.44 8.35 18.74
N2 HWS G . -9.75 7.24 20.65
O2 HWS G . -8.44 4.29 16.66
O3 HWS G . -9.97 4.21 14.97
C7 HWS G . -10.32 6.35 21.39
C8 HWS G . -11.65 5.85 21.09
C9 HWS G . -11.56 4.38 20.65
C10 HWS G . -12.68 3.83 19.81
C11 HWS G . -12.38 2.42 19.30
O4 HWS G . -9.78 5.93 22.36
N3 HWS G . -12.35 6.74 20.20
C12 HWS G . -11.51 6.19 13.11
C13 HWS G . -10.48 7.14 13.58
C14 HWS G . -10.55 8.52 12.94
C15 HWS G . -10.60 8.28 11.44
O5 HWS G . -9.28 8.10 11.02
C16 HWS G . -9.52 6.82 14.44
FE HWS G . -9.54 2.89 16.31
N4 HWS G . -11.73 2.42 18.01
C17 HWS G . -11.91 1.74 16.92
C18 HWS G . -12.78 0.58 17.01
C19 HWS G . -13.64 0.18 16.15
C20 HWS G . -14.40 -1.06 16.49
C21 HWS G . -13.71 -2.37 16.10
O6 HWS G . -12.67 -2.75 16.95
O7 HWS G . -10.75 3.10 17.78
O8 HWS G . -11.10 2.24 15.84
C23 HWS G . -11.40 -3.29 16.51
C24 HWS G . -10.11 -3.01 17.19
C25 HWS G . -9.36 -1.87 16.59
C26 HWS G . -8.04 -1.72 17.23
C27 HWS G . -7.21 -0.62 16.61
N5 HWS G . -7.89 0.55 16.08
C28 HWS G . -8.14 0.80 14.81
C29 HWS G . -7.48 0.05 13.69
C30 HWS G . -8.11 -0.84 12.97
C31 HWS G . -7.43 -1.59 11.82
C32 HWS G . -6.46 -2.65 12.25
O9 HWS G . -6.89 -3.26 13.46
O10 HWS G . -11.45 -4.06 15.61
O11 HWS G . -8.31 1.52 16.81
O12 HWS G . -9.08 1.88 14.76
C33 HWS G . -9.54 -1.07 13.21
N6 HWS G . -9.27 -4.19 17.21
C34 HWS G . -9.34 -5.15 18.12
O13 HWS G . -10.33 -5.40 18.75
C35 HWS G . -8.11 -5.98 18.26
#